data_7MU5
#
_entry.id   7MU5
#
_cell.length_a   58.163
_cell.length_b   60.924
_cell.length_c   73.458
_cell.angle_alpha   91.459
_cell.angle_beta   101.306
_cell.angle_gamma   104.131
#
_symmetry.space_group_name_H-M   'P 1'
#
loop_
_entity.id
_entity.type
_entity.pdbx_description
1 polymer 'dCTP pyrophosphatase 1'
2 non-polymer 'MAGNESIUM ION'
3 non-polymer triptolide
4 water water
#
_entity_poly.entity_id   1
_entity_poly.type   'polypeptide(L)'
_entity_poly.pdbx_seq_one_letter_code
;GRFSFSPEPTLEDIRRLHAEFAAERDWEQFHQPRNLLLALVGEVGELAELFQWKTDGEPGPQGWSPRERAALQEELSDVL
IYLVALAARCRVDLPLAVLSKMDINRRRYP
;
_entity_poly.pdbx_strand_id   A,B,C,D,E,F,G,H
#
loop_
_chem_comp.id
_chem_comp.type
_chem_comp.name
_chem_comp.formula
MG non-polymer 'MAGNESIUM ION' 'Mg 2'
TLI non-polymer triptolide 'C20 H24 O6'
#
# COMPACT_ATOMS: atom_id res chain seq x y z
N GLY A 1 30.68 8.46 -21.79
CA GLY A 1 31.39 8.65 -20.53
C GLY A 1 30.99 7.66 -19.46
N ARG A 2 31.74 7.64 -18.35
CA ARG A 2 31.54 6.70 -17.28
C ARG A 2 30.59 7.26 -16.21
N PHE A 3 30.10 6.37 -15.36
CA PHE A 3 29.00 6.68 -14.44
C PHE A 3 29.42 7.70 -13.38
N SER A 4 28.49 8.60 -13.03
CA SER A 4 28.74 9.70 -12.11
C SER A 4 27.48 9.94 -11.28
N PHE A 5 27.66 10.55 -10.09
CA PHE A 5 26.53 11.13 -9.37
C PHE A 5 26.30 12.56 -9.85
N SER A 6 25.08 13.05 -9.64
CA SER A 6 24.78 14.46 -9.81
C SER A 6 25.49 15.29 -8.73
N PRO A 7 25.68 16.59 -8.97
CA PRO A 7 26.44 17.42 -8.02
C PRO A 7 25.64 17.88 -6.81
N GLU A 8 24.31 17.89 -6.88
CA GLU A 8 23.45 18.33 -5.81
C GLU A 8 22.28 17.38 -5.77
N PRO A 9 21.65 17.19 -4.59
CA PRO A 9 22.01 17.80 -3.31
C PRO A 9 23.29 17.24 -2.70
N THR A 10 24.07 18.12 -2.08
CA THR A 10 25.16 17.72 -1.20
C THR A 10 24.61 17.21 0.12
N LEU A 11 25.53 16.75 1.00
CA LEU A 11 25.08 16.27 2.31
C LEU A 11 24.46 17.40 3.13
N GLU A 12 25.01 18.62 3.05
CA GLU A 12 24.42 19.75 3.78
C GLU A 12 23.01 20.05 3.23
N ASP A 13 22.86 20.03 1.91
CA ASP A 13 21.53 20.22 1.32
C ASP A 13 20.54 19.20 1.87
N ILE A 14 20.97 17.94 1.98
CA ILE A 14 20.04 16.93 2.47
C ILE A 14 19.68 17.19 3.93
N ARG A 15 20.66 17.53 4.77
CA ARG A 15 20.35 17.88 6.14
C ARG A 15 19.30 19.01 6.21
N ARG A 16 19.49 20.08 5.45
CA ARG A 16 18.53 21.19 5.42
C ARG A 16 17.15 20.72 4.90
N LEU A 17 17.11 20.09 3.74
CA LEU A 17 15.86 19.52 3.25
C LEU A 17 15.16 18.69 4.30
N HIS A 18 15.87 17.81 4.97
CA HIS A 18 15.19 16.94 5.92
C HIS A 18 14.70 17.71 7.15
N ALA A 19 15.51 18.65 7.63
CA ALA A 19 15.13 19.50 8.76
C ALA A 19 13.89 20.33 8.44
N GLU A 20 13.84 20.90 7.24
CA GLU A 20 12.63 21.61 6.79
C GLU A 20 11.42 20.69 6.73
N PHE A 21 11.59 19.47 6.21
CA PHE A 21 10.50 18.50 6.16
C PHE A 21 9.99 18.23 7.55
N ALA A 22 10.91 18.01 8.50
CA ALA A 22 10.50 17.78 9.89
C ALA A 22 9.87 19.04 10.51
N ALA A 23 10.38 20.23 10.18
CA ALA A 23 9.86 21.47 10.80
C ALA A 23 8.44 21.74 10.35
N GLU A 24 8.14 21.46 9.09
CA GLU A 24 6.82 21.64 8.53
C GLU A 24 5.79 20.80 9.26
N ARG A 25 6.23 19.72 9.89
CA ARG A 25 5.31 18.76 10.48
C ARG A 25 5.41 18.72 11.98
N ASP A 26 6.34 19.48 12.56
CA ASP A 26 6.53 19.52 14.00
C ASP A 26 7.08 18.17 14.49
N TRP A 27 8.01 17.58 13.75
CA TRP A 27 8.45 16.22 14.05
C TRP A 27 9.81 16.14 14.74
N GLU A 28 10.53 17.26 14.85
CA GLU A 28 11.87 17.24 15.46
C GLU A 28 11.83 16.65 16.85
N GLN A 29 10.70 16.78 17.53
CA GLN A 29 10.55 16.26 18.89
C GLN A 29 10.64 14.75 18.96
N PHE A 30 10.54 14.05 17.84
CA PHE A 30 10.64 12.58 17.80
C PHE A 30 11.99 12.09 17.30
N HIS A 31 12.92 13.01 16.97
CA HIS A 31 14.20 12.71 16.33
C HIS A 31 15.37 12.63 17.31
N GLN A 32 15.15 12.07 18.48
CA GLN A 32 16.25 11.69 19.35
C GLN A 32 17.22 10.74 18.62
N PRO A 33 18.51 10.86 18.91
CA PRO A 33 19.52 10.00 18.21
C PRO A 33 19.15 8.53 18.08
N ARG A 34 18.72 7.87 19.16
CA ARG A 34 18.43 6.41 19.16
C ARG A 34 17.16 6.14 18.35
N ASN A 35 16.22 7.07 18.25
CA ASN A 35 15.10 6.97 17.34
C ASN A 35 15.58 6.96 15.88
N LEU A 36 16.39 7.93 15.49
CA LEU A 36 16.93 7.98 14.14
C LEU A 36 17.80 6.74 13.83
N LEU A 37 18.57 6.27 14.82
CA LEU A 37 19.37 5.08 14.62
C LEU A 37 18.50 3.86 14.30
N LEU A 38 17.43 3.63 15.07
CA LEU A 38 16.59 2.49 14.79
C LEU A 38 15.80 2.68 13.49
N ALA A 39 15.50 3.92 13.12
CA ALA A 39 14.89 4.21 11.83
C ALA A 39 15.84 3.82 10.71
N LEU A 40 17.10 4.19 10.85
CA LEU A 40 18.11 3.72 9.91
C LEU A 40 18.13 2.18 9.81
N VAL A 41 18.07 1.50 10.94
CA VAL A 41 18.11 0.03 10.92
C VAL A 41 16.92 -0.53 10.12
N GLY A 42 15.70 -0.03 10.37
CA GLY A 42 14.56 -0.46 9.58
C GLY A 42 14.74 -0.27 8.08
N GLU A 43 15.33 0.85 7.68
CA GLU A 43 15.55 1.09 6.25
C GLU A 43 16.65 0.20 5.70
N VAL A 44 17.72 -0.02 6.47
CA VAL A 44 18.73 -0.97 6.05
C VAL A 44 18.09 -2.34 5.83
N GLY A 45 17.10 -2.69 6.65
CA GLY A 45 16.44 -3.97 6.50
C GLY A 45 15.56 -4.03 5.26
N GLU A 46 14.90 -2.92 4.93
CA GLU A 46 14.10 -2.85 3.72
C GLU A 46 15.00 -2.97 2.50
N LEU A 47 16.21 -2.40 2.54
CA LEU A 47 17.22 -2.54 1.45
C LEU A 47 17.63 -4.02 1.31
N ALA A 48 17.90 -4.72 2.42
CA ALA A 48 18.28 -6.15 2.44
C ALA A 48 17.18 -7.02 1.87
N GLU A 49 15.92 -6.66 2.08
CA GLU A 49 14.77 -7.45 1.60
C GLU A 49 14.77 -7.46 0.06
N LEU A 50 15.22 -6.39 -0.58
CA LEU A 50 15.30 -6.31 -2.05
C LEU A 50 16.33 -7.33 -2.57
N PHE A 51 17.42 -7.54 -1.85
CA PHE A 51 18.53 -8.42 -2.31
C PHE A 51 18.48 -9.85 -1.76
N GLN A 52 17.68 -10.19 -0.75
CA GLN A 52 17.74 -11.48 -0.01
C GLN A 52 17.64 -12.76 -0.87
N TRP A 53 16.82 -12.81 -1.92
CA TRP A 53 16.61 -14.01 -2.79
C TRP A 53 17.29 -13.78 -4.13
N LYS A 54 18.10 -12.72 -4.27
CA LYS A 54 18.77 -12.35 -5.54
C LYS A 54 20.26 -12.61 -5.43
N THR A 55 20.71 -13.82 -5.74
CA THR A 55 22.16 -14.15 -5.78
C THR A 55 22.88 -13.20 -6.73
N ASP A 56 24.14 -12.92 -6.40
CA ASP A 56 24.98 -12.02 -7.23
C ASP A 56 25.25 -12.68 -8.58
N GLY A 57 25.23 -11.88 -9.62
CA GLY A 57 25.42 -12.40 -10.98
C GLY A 57 25.04 -11.33 -11.96
N GLU A 58 25.96 -10.97 -12.84
CA GLU A 58 25.67 -9.97 -13.90
C GLU A 58 24.42 -10.42 -14.68
N PRO A 59 23.55 -9.50 -15.12
CA PRO A 59 23.85 -8.06 -15.08
C PRO A 59 23.76 -7.40 -13.70
N GLY A 60 23.04 -7.98 -12.75
CA GLY A 60 22.92 -7.46 -11.37
C GLY A 60 21.80 -6.46 -11.20
N PRO A 61 21.83 -5.61 -10.16
CA PRO A 61 20.82 -4.58 -9.94
C PRO A 61 20.47 -3.72 -11.17
N GLN A 62 21.43 -3.40 -12.01
CA GLN A 62 21.22 -2.60 -13.24
C GLN A 62 20.25 -3.29 -14.22
N GLY A 63 20.10 -4.61 -14.19
CA GLY A 63 19.14 -5.38 -15.01
C GLY A 63 17.89 -5.79 -14.25
N TRP A 64 17.57 -5.13 -13.14
CA TRP A 64 16.35 -5.40 -12.34
C TRP A 64 15.12 -4.83 -13.05
N SER A 65 13.95 -5.25 -12.61
CA SER A 65 12.66 -4.72 -13.12
C SER A 65 12.52 -3.24 -12.78
N PRO A 66 11.79 -2.45 -13.58
CA PRO A 66 11.55 -1.05 -13.27
C PRO A 66 11.11 -0.71 -11.82
N ARG A 67 10.17 -1.46 -11.26
CA ARG A 67 9.68 -1.25 -9.88
C ARG A 67 10.75 -1.71 -8.88
N GLU A 68 11.52 -2.75 -9.20
CA GLU A 68 12.64 -3.21 -8.34
C GLU A 68 13.70 -2.12 -8.27
N ARG A 69 13.99 -1.47 -9.38
CA ARG A 69 14.99 -0.38 -9.49
C ARG A 69 14.47 0.84 -8.73
N ALA A 70 13.19 1.13 -8.86
CA ALA A 70 12.53 2.24 -8.15
C ALA A 70 12.64 1.99 -6.65
N ALA A 71 12.39 0.77 -6.19
CA ALA A 71 12.46 0.37 -4.78
C ALA A 71 13.90 0.51 -4.27
N LEU A 72 14.89 0.14 -5.07
CA LEU A 72 16.32 0.27 -4.71
C LEU A 72 16.64 1.74 -4.51
N GLN A 73 16.23 2.59 -5.43
CA GLN A 73 16.50 4.06 -5.37
C GLN A 73 15.88 4.62 -4.09
N GLU A 74 14.64 4.26 -3.81
CA GLU A 74 13.90 4.77 -2.65
C GLU A 74 14.53 4.26 -1.34
N GLU A 75 15.02 3.03 -1.29
CA GLU A 75 15.63 2.40 -0.10
C GLU A 75 17.03 2.96 0.16
N LEU A 76 17.85 3.15 -0.85
CA LEU A 76 19.20 3.72 -0.71
C LEU A 76 19.03 5.16 -0.25
N SER A 77 18.04 5.86 -0.80
CA SER A 77 17.72 7.25 -0.44
C SER A 77 17.27 7.33 1.01
N ASP A 78 16.46 6.38 1.50
CA ASP A 78 15.96 6.40 2.88
C ASP A 78 17.09 6.16 3.86
N VAL A 79 18.02 5.24 3.53
CA VAL A 79 19.16 5.02 4.43
C VAL A 79 19.97 6.30 4.56
N LEU A 80 20.21 6.96 3.44
CA LEU A 80 21.03 8.17 3.45
C LEU A 80 20.39 9.29 4.23
N ILE A 81 19.07 9.46 4.08
CA ILE A 81 18.38 10.53 4.78
C ILE A 81 18.46 10.33 6.28
N TYR A 82 18.19 9.12 6.77
CA TYR A 82 18.30 8.94 8.20
C TYR A 82 19.74 8.98 8.71
N LEU A 83 20.72 8.57 7.89
CA LEU A 83 22.13 8.71 8.27
C LEU A 83 22.47 10.19 8.46
N VAL A 84 22.03 11.03 7.53
CA VAL A 84 22.32 12.46 7.62
C VAL A 84 21.68 13.04 8.85
N ALA A 85 20.39 12.72 9.03
CA ALA A 85 19.67 13.15 10.22
C ALA A 85 20.37 12.68 11.50
N LEU A 86 20.73 11.40 11.56
CA LEU A 86 21.44 10.92 12.76
C LEU A 86 22.74 11.70 12.98
N ALA A 87 23.51 11.89 11.92
CA ALA A 87 24.78 12.57 12.10
C ALA A 87 24.56 14.00 12.59
N ALA A 88 23.61 14.71 11.93
CA ALA A 88 23.30 16.06 12.34
C ALA A 88 22.84 16.10 13.79
N ARG A 89 21.97 15.16 14.18
CA ARG A 89 21.47 15.19 15.55
C ARG A 89 22.58 14.91 16.59
N CYS A 90 23.62 14.17 16.21
CA CYS A 90 24.79 13.93 17.07
C CYS A 90 25.88 15.03 16.99
N ARG A 91 25.65 16.09 16.22
CA ARG A 91 26.64 17.11 15.95
C ARG A 91 27.91 16.52 15.35
N VAL A 92 27.75 15.66 14.36
CA VAL A 92 28.87 15.18 13.57
C VAL A 92 28.83 15.85 12.21
N ASP A 93 29.95 16.47 11.83
CA ASP A 93 30.15 17.09 10.52
C ASP A 93 30.51 16.00 9.53
N LEU A 94 29.47 15.34 9.03
CA LEU A 94 29.64 14.15 8.21
C LEU A 94 30.65 14.32 7.08
N PRO A 95 30.59 15.38 6.24
CA PRO A 95 31.61 15.47 5.15
C PRO A 95 33.02 15.41 5.65
N LEU A 96 33.35 16.13 6.73
CA LEU A 96 34.73 16.09 7.21
C LEU A 96 35.04 14.78 7.91
N ALA A 97 34.08 14.18 8.61
CA ALA A 97 34.31 12.85 9.17
C ALA A 97 34.68 11.86 8.09
N VAL A 98 34.14 12.02 6.88
CA VAL A 98 34.46 11.12 5.78
C VAL A 98 35.91 11.32 5.35
N LEU A 99 36.31 12.58 5.16
CA LEU A 99 37.70 12.86 4.86
C LEU A 99 38.63 12.23 5.89
N SER A 100 38.29 12.36 7.17
CA SER A 100 39.11 11.79 8.22
C SER A 100 39.10 10.25 8.17
N LYS A 101 37.97 9.63 7.76
CA LYS A 101 37.97 8.18 7.70
C LYS A 101 38.80 7.69 6.53
N MET A 102 38.82 8.45 5.43
CA MET A 102 39.62 8.07 4.27
C MET A 102 41.12 8.14 4.55
N ASP A 103 41.57 9.08 5.40
CA ASP A 103 42.98 9.04 5.85
C ASP A 103 43.28 7.84 6.76
N ILE A 104 42.40 7.55 7.71
CA ILE A 104 42.51 6.34 8.48
C ILE A 104 42.60 5.13 7.55
N ASN A 105 41.79 5.10 6.50
CA ASN A 105 41.81 3.90 5.66
C ASN A 105 43.10 3.80 4.86
N ARG A 106 43.70 4.94 4.50
CA ARG A 106 44.95 4.95 3.74
C ARG A 106 46.13 4.49 4.60
N ARG A 107 46.09 4.75 5.89
CA ARG A 107 47.13 4.27 6.78
C ARG A 107 46.95 2.77 7.02
N ARG A 108 45.71 2.33 7.14
CA ARG A 108 45.48 0.92 7.45
C ARG A 108 45.76 0.03 6.25
N TYR A 109 45.55 0.55 5.06
CA TYR A 109 45.76 -0.17 3.81
C TYR A 109 46.63 0.73 2.96
N PRO A 110 47.95 0.74 3.21
CA PRO A 110 48.80 1.75 2.56
C PRO A 110 48.83 1.62 1.02
N ARG B 2 -19.69 -25.24 -20.76
CA ARG B 2 -18.71 -25.30 -19.66
C ARG B 2 -17.76 -24.10 -19.74
N PHE B 3 -17.33 -23.56 -18.60
CA PHE B 3 -16.56 -22.33 -18.61
C PHE B 3 -15.68 -22.26 -17.37
N SER B 4 -14.50 -21.68 -17.54
CA SER B 4 -13.63 -21.41 -16.41
C SER B 4 -12.70 -20.28 -16.82
N PHE B 5 -12.07 -19.67 -15.81
CA PHE B 5 -11.00 -18.69 -16.00
C PHE B 5 -9.65 -19.40 -16.18
N SER B 6 -8.78 -18.78 -16.98
CA SER B 6 -7.37 -19.15 -17.01
C SER B 6 -6.76 -19.10 -15.60
N PRO B 7 -5.83 -20.01 -15.30
CA PRO B 7 -5.28 -20.06 -13.93
C PRO B 7 -4.37 -18.89 -13.61
N GLU B 8 -3.83 -18.21 -14.61
CA GLU B 8 -2.94 -17.06 -14.48
C GLU B 8 -3.29 -16.02 -15.54
N PRO B 9 -2.99 -14.72 -15.28
CA PRO B 9 -2.38 -14.14 -14.07
C PRO B 9 -3.30 -14.06 -12.84
N THR B 10 -2.69 -14.26 -11.68
CA THR B 10 -3.34 -14.12 -10.38
C THR B 10 -3.48 -12.61 -10.04
N LEU B 11 -4.17 -12.35 -8.94
CA LEU B 11 -4.31 -11.00 -8.43
C LEU B 11 -2.95 -10.39 -8.10
N GLU B 12 -2.05 -11.17 -7.53
CA GLU B 12 -0.71 -10.68 -7.23
C GLU B 12 0.09 -10.46 -8.51
N ASP B 13 -0.08 -11.34 -9.51
CA ASP B 13 0.51 -11.06 -10.81
C ASP B 13 0.02 -9.71 -11.37
N ILE B 14 -1.28 -9.41 -11.24
CA ILE B 14 -1.83 -8.19 -11.83
C ILE B 14 -1.28 -6.98 -11.10
N ARG B 15 -1.23 -7.03 -9.75
CA ARG B 15 -0.59 -5.96 -8.98
C ARG B 15 0.83 -5.69 -9.46
N ARG B 16 1.61 -6.75 -9.68
CA ARG B 16 2.99 -6.58 -10.09
C ARG B 16 3.10 -6.04 -11.51
N LEU B 17 2.34 -6.61 -12.43
CA LEU B 17 2.30 -6.10 -13.80
C LEU B 17 1.94 -4.62 -13.84
N HIS B 18 0.97 -4.20 -13.03
CA HIS B 18 0.56 -2.82 -13.07
C HIS B 18 1.55 -1.91 -12.37
N ALA B 19 2.18 -2.40 -11.29
CA ALA B 19 3.22 -1.62 -10.65
C ALA B 19 4.42 -1.44 -11.57
N GLU B 20 4.80 -2.50 -12.30
CA GLU B 20 5.92 -2.36 -13.25
C GLU B 20 5.57 -1.33 -14.31
N PHE B 21 4.32 -1.38 -14.82
CA PHE B 21 3.92 -0.50 -15.90
C PHE B 21 3.93 0.94 -15.42
N ALA B 22 3.48 1.18 -14.20
CA ALA B 22 3.51 2.51 -13.59
C ALA B 22 4.96 2.96 -13.39
N ALA B 23 5.84 2.14 -12.82
CA ALA B 23 7.23 2.52 -12.50
C ALA B 23 8.00 2.89 -13.79
N GLU B 24 7.76 2.21 -14.90
CA GLU B 24 8.45 2.50 -16.18
C GLU B 24 8.11 3.89 -16.66
N ARG B 25 6.90 4.37 -16.38
CA ARG B 25 6.38 5.65 -16.89
C ARG B 25 6.39 6.75 -15.82
N ASP B 26 6.83 6.47 -14.60
CA ASP B 26 6.87 7.47 -13.53
C ASP B 26 5.47 7.94 -13.13
N TRP B 27 4.51 7.01 -13.11
CA TRP B 27 3.12 7.36 -12.83
C TRP B 27 2.68 7.11 -11.38
N GLU B 28 3.53 6.47 -10.57
CA GLU B 28 3.13 6.17 -9.20
C GLU B 28 2.77 7.43 -8.44
N GLN B 29 3.32 8.58 -8.86
CA GLN B 29 3.00 9.82 -8.15
C GLN B 29 1.51 10.15 -8.26
N PHE B 30 0.83 9.68 -9.30
CA PHE B 30 -0.58 9.98 -9.56
C PHE B 30 -1.56 8.98 -8.93
N HIS B 31 -1.07 7.87 -8.38
CA HIS B 31 -1.91 6.78 -7.87
C HIS B 31 -2.22 6.90 -6.39
N GLN B 32 -2.61 8.10 -5.94
CA GLN B 32 -3.20 8.26 -4.62
C GLN B 32 -4.54 7.52 -4.60
N PRO B 33 -5.00 7.13 -3.42
CA PRO B 33 -6.25 6.32 -3.36
C PRO B 33 -7.45 6.98 -4.01
N ARG B 34 -7.69 8.27 -3.80
CA ARG B 34 -8.91 8.95 -4.31
C ARG B 34 -8.78 9.14 -5.82
N ASN B 35 -7.57 9.19 -6.39
CA ASN B 35 -7.41 9.21 -7.84
C ASN B 35 -7.77 7.85 -8.42
N LEU B 36 -7.22 6.77 -7.84
CA LEU B 36 -7.48 5.42 -8.31
C LEU B 36 -8.95 5.08 -8.19
N LEU B 37 -9.60 5.50 -7.09
CA LEU B 37 -11.03 5.27 -6.93
C LEU B 37 -11.86 5.96 -8.01
N LEU B 38 -11.55 7.22 -8.33
CA LEU B 38 -12.27 7.91 -9.40
C LEU B 38 -11.97 7.29 -10.77
N ALA B 39 -10.75 6.76 -10.97
CA ALA B 39 -10.46 6.06 -12.21
C ALA B 39 -11.26 4.77 -12.31
N LEU B 40 -11.40 4.06 -11.19
CA LEU B 40 -12.27 2.88 -11.13
C LEU B 40 -13.71 3.27 -11.48
N VAL B 41 -14.20 4.36 -10.89
CA VAL B 41 -15.55 4.85 -11.19
C VAL B 41 -15.69 5.18 -12.66
N GLY B 42 -14.66 5.79 -13.27
CA GLY B 42 -14.69 6.01 -14.69
C GLY B 42 -14.84 4.72 -15.49
N GLU B 43 -14.08 3.69 -15.12
CA GLU B 43 -14.09 2.47 -15.92
C GLU B 43 -15.40 1.72 -15.73
N VAL B 44 -15.96 1.75 -14.52
CA VAL B 44 -17.30 1.20 -14.29
C VAL B 44 -18.35 1.91 -15.16
N GLY B 45 -18.20 3.22 -15.35
CA GLY B 45 -19.11 3.92 -16.23
C GLY B 45 -19.00 3.46 -17.68
N GLU B 46 -17.77 3.20 -18.14
CA GLU B 46 -17.57 2.70 -19.50
C GLU B 46 -18.21 1.32 -19.64
N LEU B 47 -18.07 0.49 -18.61
CA LEU B 47 -18.72 -0.82 -18.63
C LEU B 47 -20.25 -0.66 -18.66
N ALA B 48 -20.79 0.23 -17.82
CA ALA B 48 -22.22 0.53 -17.85
C ALA B 48 -22.70 0.99 -19.22
N GLU B 49 -21.85 1.72 -19.98
CA GLU B 49 -22.34 2.19 -21.28
C GLU B 49 -22.55 1.06 -22.26
N LEU B 50 -21.75 -0.02 -22.16
CA LEU B 50 -21.95 -1.17 -23.07
C LEU B 50 -23.31 -1.82 -22.85
N PHE B 51 -23.82 -1.77 -21.64
CA PHE B 51 -25.05 -2.47 -21.29
C PHE B 51 -26.27 -1.57 -21.29
N GLN B 52 -26.09 -0.26 -21.42
CA GLN B 52 -27.17 0.65 -21.06
C GLN B 52 -28.40 0.45 -21.93
N TRP B 53 -28.24 0.25 -23.24
CA TRP B 53 -29.39 0.01 -24.12
C TRP B 53 -29.67 -1.47 -24.40
N LYS B 54 -29.10 -2.39 -23.64
CA LYS B 54 -29.37 -3.82 -23.80
C LYS B 54 -30.09 -4.45 -22.61
N THR B 55 -31.38 -4.72 -22.73
CA THR B 55 -31.95 -5.66 -21.74
C THR B 55 -31.67 -7.10 -22.23
N GLY B 60 -28.31 -11.89 -24.64
CA GLY B 60 -27.26 -11.85 -23.64
C GLY B 60 -25.92 -11.53 -24.24
N PRO B 61 -24.92 -11.21 -23.39
CA PRO B 61 -23.60 -10.85 -23.91
C PRO B 61 -22.92 -11.96 -24.70
N GLN B 62 -23.24 -13.23 -24.41
CA GLN B 62 -22.59 -14.33 -25.16
C GLN B 62 -22.90 -14.24 -26.65
N GLY B 63 -24.02 -13.61 -27.01
CA GLY B 63 -24.38 -13.43 -28.40
C GLY B 63 -24.11 -12.03 -28.92
N TRP B 64 -23.32 -11.23 -28.21
CA TRP B 64 -22.88 -9.94 -28.75
C TRP B 64 -21.91 -10.15 -29.92
N SER B 65 -21.81 -9.14 -30.78
CA SER B 65 -20.86 -9.20 -31.88
C SER B 65 -19.42 -9.30 -31.36
N PRO B 66 -18.48 -9.76 -32.21
CA PRO B 66 -17.09 -9.86 -31.75
C PRO B 66 -16.53 -8.52 -31.30
N ARG B 67 -16.94 -7.45 -31.95
CA ARG B 67 -16.46 -6.13 -31.56
C ARG B 67 -17.03 -5.73 -30.21
N GLU B 68 -18.32 -6.00 -29.97
CA GLU B 68 -18.92 -5.69 -28.67
C GLU B 68 -18.26 -6.52 -27.56
N ARG B 69 -17.93 -7.78 -27.86
CA ARG B 69 -17.31 -8.66 -26.87
C ARG B 69 -15.88 -8.25 -26.58
N ALA B 70 -15.14 -7.82 -27.61
CA ALA B 70 -13.80 -7.34 -27.37
C ALA B 70 -13.82 -6.09 -26.48
N ALA B 71 -14.80 -5.23 -26.66
CA ALA B 71 -14.97 -4.07 -25.80
C ALA B 71 -15.38 -4.47 -24.37
N LEU B 72 -16.28 -5.43 -24.22
CA LEU B 72 -16.64 -5.93 -22.90
C LEU B 72 -15.42 -6.46 -22.14
N GLN B 73 -14.58 -7.20 -22.86
CA GLN B 73 -13.36 -7.77 -22.30
C GLN B 73 -12.45 -6.66 -21.78
N GLU B 74 -12.29 -5.61 -22.55
CA GLU B 74 -11.40 -4.53 -22.19
C GLU B 74 -11.91 -3.77 -20.97
N GLU B 75 -13.22 -3.50 -20.89
CA GLU B 75 -13.69 -2.69 -19.76
C GLU B 75 -13.74 -3.49 -18.47
N LEU B 76 -14.18 -4.75 -18.54
CA LEU B 76 -14.00 -5.62 -17.37
C LEU B 76 -12.57 -5.59 -16.85
N SER B 77 -11.58 -5.63 -17.76
CA SER B 77 -10.17 -5.65 -17.33
C SER B 77 -9.75 -4.31 -16.74
N ASP B 78 -10.12 -3.20 -17.36
CA ASP B 78 -9.82 -1.91 -16.77
C ASP B 78 -10.41 -1.84 -15.36
N VAL B 79 -11.66 -2.29 -15.17
CA VAL B 79 -12.24 -2.20 -13.83
C VAL B 79 -11.36 -2.98 -12.85
N LEU B 80 -10.89 -4.16 -13.26
CA LEU B 80 -10.13 -5.00 -12.33
C LEU B 80 -8.79 -4.39 -12.01
N ILE B 81 -8.14 -3.83 -13.01
CA ILE B 81 -6.80 -3.29 -12.86
C ILE B 81 -6.81 -2.16 -11.84
N TYR B 82 -7.75 -1.22 -12.00
CA TYR B 82 -7.85 -0.10 -11.09
C TYR B 82 -8.29 -0.56 -9.71
N LEU B 83 -9.15 -1.60 -9.62
CA LEU B 83 -9.52 -2.15 -8.31
C LEU B 83 -8.31 -2.77 -7.61
N VAL B 84 -7.45 -3.45 -8.37
CA VAL B 84 -6.25 -4.05 -7.79
C VAL B 84 -5.30 -2.94 -7.31
N ALA B 85 -5.13 -1.90 -8.12
CA ALA B 85 -4.22 -0.80 -7.76
C ALA B 85 -4.73 -0.06 -6.53
N LEU B 86 -6.04 0.15 -6.44
CA LEU B 86 -6.60 0.80 -5.26
C LEU B 86 -6.38 -0.04 -4.01
N ALA B 87 -6.72 -1.33 -4.08
CA ALA B 87 -6.55 -2.22 -2.93
C ALA B 87 -5.09 -2.29 -2.50
N ALA B 88 -4.17 -2.39 -3.46
CA ALA B 88 -2.75 -2.39 -3.11
C ALA B 88 -2.32 -1.08 -2.49
N ARG B 89 -2.73 0.07 -3.02
CA ARG B 89 -2.37 1.42 -2.49
C ARG B 89 -2.87 1.55 -1.05
N CYS B 90 -3.97 0.90 -0.69
CA CYS B 90 -4.57 0.92 0.67
C CYS B 90 -4.01 -0.21 1.55
N ARG B 91 -2.95 -0.91 1.14
CA ARG B 91 -2.33 -2.07 1.84
C ARG B 91 -3.40 -3.07 2.26
N VAL B 92 -4.33 -3.37 1.37
CA VAL B 92 -5.41 -4.37 1.60
C VAL B 92 -4.99 -5.63 0.84
N ASP B 93 -4.73 -6.74 1.53
CA ASP B 93 -4.39 -8.03 0.93
C ASP B 93 -5.67 -8.54 0.30
N LEU B 94 -5.89 -8.24 -0.97
CA LEU B 94 -7.19 -8.46 -1.59
C LEU B 94 -7.65 -9.92 -1.63
N PRO B 95 -6.78 -10.90 -1.99
CA PRO B 95 -7.24 -12.30 -2.02
C PRO B 95 -7.77 -12.78 -0.67
N LEU B 96 -7.09 -12.41 0.43
CA LEU B 96 -7.54 -12.85 1.76
C LEU B 96 -8.79 -12.11 2.21
N ALA B 97 -8.91 -10.83 1.86
CA ALA B 97 -10.15 -10.13 2.20
C ALA B 97 -11.32 -10.80 1.51
N VAL B 98 -11.12 -11.30 0.29
CA VAL B 98 -12.20 -11.99 -0.42
C VAL B 98 -12.57 -13.27 0.31
N LEU B 99 -11.59 -14.05 0.80
CA LEU B 99 -11.95 -15.23 1.61
C LEU B 99 -12.74 -14.83 2.84
N SER B 100 -12.28 -13.79 3.55
CA SER B 100 -12.98 -13.29 4.72
C SER B 100 -14.42 -12.85 4.41
N LYS B 101 -14.62 -12.17 3.26
CA LYS B 101 -15.95 -11.71 2.88
C LYS B 101 -16.87 -12.89 2.53
N MET B 102 -16.31 -13.95 1.94
CA MET B 102 -17.14 -15.11 1.66
C MET B 102 -17.62 -15.79 2.93
N ASP B 103 -16.76 -15.86 3.95
CA ASP B 103 -17.19 -16.42 5.23
C ASP B 103 -18.32 -15.60 5.78
N ILE B 104 -18.17 -14.27 5.74
CA ILE B 104 -19.22 -13.36 6.21
C ILE B 104 -20.49 -13.58 5.41
N ASN B 105 -20.36 -13.70 4.08
CA ASN B 105 -21.56 -13.90 3.27
C ASN B 105 -22.26 -15.20 3.63
N ARG B 106 -21.48 -16.26 3.87
CA ARG B 106 -22.05 -17.53 4.31
C ARG B 106 -22.80 -17.37 5.63
N ARG B 107 -22.18 -16.72 6.62
CA ARG B 107 -22.86 -16.49 7.88
C ARG B 107 -24.11 -15.64 7.71
N ARG B 108 -24.09 -14.67 6.77
CA ARG B 108 -25.21 -13.76 6.63
C ARG B 108 -26.38 -14.43 5.89
N TYR B 109 -26.10 -15.36 4.98
CA TYR B 109 -27.11 -16.06 4.21
C TYR B 109 -26.89 -17.56 4.34
N PRO B 110 -27.38 -18.18 5.42
CA PRO B 110 -27.13 -19.62 5.62
C PRO B 110 -28.16 -20.54 4.97
N PHE C 3 23.58 23.89 14.12
CA PHE C 3 24.60 23.03 13.50
C PHE C 3 24.46 22.74 12.01
N SER C 4 25.58 22.85 11.28
CA SER C 4 25.59 22.57 9.85
C SER C 4 26.80 21.71 9.43
N PHE C 5 26.63 21.10 8.28
CA PHE C 5 27.73 20.37 7.69
C PHE C 5 28.63 21.32 6.91
N SER C 6 29.90 20.90 6.77
CA SER C 6 30.80 21.52 5.83
C SER C 6 30.27 21.34 4.41
N PRO C 7 30.68 22.21 3.49
CA PRO C 7 30.16 22.13 2.12
C PRO C 7 30.80 21.03 1.26
N GLU C 8 31.97 20.52 1.62
CA GLU C 8 32.70 19.51 0.86
C GLU C 8 33.37 18.53 1.83
N PRO C 9 33.54 17.27 1.43
CA PRO C 9 33.21 16.66 0.14
C PRO C 9 31.72 16.39 -0.10
N THR C 10 31.29 16.52 -1.36
CA THR C 10 29.95 16.14 -1.78
C THR C 10 29.87 14.63 -1.94
N LEU C 11 28.68 14.13 -2.28
CA LEU C 11 28.52 12.70 -2.51
C LEU C 11 29.32 12.24 -3.72
N GLU C 12 29.39 13.07 -4.77
CA GLU C 12 30.19 12.72 -5.94
C GLU C 12 31.68 12.68 -5.61
N ASP C 13 32.14 13.61 -4.75
CA ASP C 13 33.53 13.56 -4.27
C ASP C 13 33.80 12.25 -3.55
N ILE C 14 32.85 11.82 -2.72
CA ILE C 14 33.04 10.62 -1.90
C ILE C 14 33.14 9.39 -2.80
N ARG C 15 32.26 9.34 -3.81
CA ARG C 15 32.28 8.23 -4.75
C ARG C 15 33.61 8.17 -5.51
N ARG C 16 34.09 9.31 -5.99
CA ARG C 16 35.36 9.32 -6.71
C ARG C 16 36.51 8.91 -5.80
N LEU C 17 36.57 9.51 -4.60
CA LEU C 17 37.67 9.17 -3.70
C LEU C 17 37.68 7.69 -3.38
N HIS C 18 36.51 7.10 -3.18
CA HIS C 18 36.50 5.70 -2.80
C HIS C 18 36.81 4.82 -3.99
N ALA C 19 36.32 5.21 -5.18
CA ALA C 19 36.56 4.43 -6.39
C ALA C 19 38.04 4.39 -6.76
N GLU C 20 38.74 5.51 -6.57
CA GLU C 20 40.16 5.59 -6.84
C GLU C 20 40.96 4.84 -5.78
N PHE C 21 40.52 4.94 -4.51
CA PHE C 21 41.11 4.17 -3.43
C PHE C 21 40.99 2.67 -3.70
N ALA C 22 39.81 2.24 -4.11
CA ALA C 22 39.60 0.83 -4.43
C ALA C 22 40.38 0.41 -5.69
N ALA C 23 40.41 1.27 -6.71
CA ALA C 23 41.10 0.95 -7.96
C ALA C 23 42.59 0.78 -7.73
N GLU C 24 43.18 1.68 -6.96
CA GLU C 24 44.60 1.63 -6.63
C GLU C 24 45.01 0.30 -6.00
N ARG C 25 44.10 -0.33 -5.24
CA ARG C 25 44.42 -1.55 -4.53
C ARG C 25 43.92 -2.78 -5.24
N ASP C 26 43.24 -2.61 -6.37
CA ASP C 26 42.69 -3.72 -7.16
C ASP C 26 41.59 -4.43 -6.38
N TRP C 27 40.73 -3.64 -5.72
CA TRP C 27 39.66 -4.19 -4.87
C TRP C 27 38.30 -4.26 -5.56
N GLU C 28 38.13 -3.60 -6.70
CA GLU C 28 36.82 -3.50 -7.33
C GLU C 28 36.26 -4.87 -7.70
N GLN C 29 37.12 -5.88 -7.83
CA GLN C 29 36.65 -7.24 -8.05
C GLN C 29 35.90 -7.83 -6.85
N PHE C 30 36.05 -7.29 -5.64
CA PHE C 30 35.34 -7.81 -4.46
C PHE C 30 34.05 -7.03 -4.17
N HIS C 31 33.74 -6.02 -4.96
CA HIS C 31 32.67 -5.06 -4.65
C HIS C 31 31.37 -5.38 -5.38
N GLN C 32 30.99 -6.64 -5.36
CA GLN C 32 29.69 -7.07 -5.81
C GLN C 32 28.61 -6.47 -4.91
N PRO C 33 27.41 -6.23 -5.44
CA PRO C 33 26.38 -5.51 -4.64
C PRO C 33 26.06 -6.14 -3.30
N ARG C 34 25.86 -7.46 -3.23
CA ARG C 34 25.58 -8.09 -1.95
C ARG C 34 26.79 -8.12 -1.01
N ASN C 35 28.01 -8.05 -1.54
CA ASN C 35 29.17 -7.86 -0.67
C ASN C 35 29.12 -6.50 0.00
N LEU C 36 28.89 -5.45 -0.81
CA LEU C 36 28.85 -4.11 -0.26
C LEU C 36 27.69 -3.95 0.70
N LEU C 37 26.57 -4.62 0.39
CA LEU C 37 25.41 -4.51 1.26
C LEU C 37 25.68 -5.13 2.62
N LEU C 38 26.34 -6.30 2.62
CA LEU C 38 26.61 -6.96 3.88
C LEU C 38 27.63 -6.17 4.69
N ALA C 39 28.63 -5.56 4.01
CA ALA C 39 29.58 -4.71 4.70
C ALA C 39 28.90 -3.49 5.28
N LEU C 40 27.91 -2.92 4.57
CA LEU C 40 27.13 -1.82 5.13
C LEU C 40 26.39 -2.28 6.38
N VAL C 41 25.74 -3.46 6.31
CA VAL C 41 25.08 -4.03 7.49
C VAL C 41 26.07 -4.15 8.65
N GLY C 42 27.29 -4.63 8.39
CA GLY C 42 28.26 -4.75 9.45
C GLY C 42 28.57 -3.40 10.09
N GLU C 43 28.77 -2.36 9.27
CA GLU C 43 29.07 -1.04 9.84
C GLU C 43 27.87 -0.51 10.62
N VAL C 44 26.67 -0.75 10.14
CA VAL C 44 25.49 -0.35 10.91
C VAL C 44 25.47 -1.05 12.26
N GLY C 45 25.84 -2.34 12.30
CA GLY C 45 25.98 -3.02 13.58
C GLY C 45 26.97 -2.37 14.54
N GLU C 46 28.12 -1.94 14.04
CA GLU C 46 29.10 -1.27 14.89
C GLU C 46 28.54 0.05 15.45
N LEU C 47 27.81 0.81 14.62
CA LEU C 47 27.09 1.98 15.11
C LEU C 47 26.10 1.59 16.22
N ALA C 48 25.31 0.54 15.97
CA ALA C 48 24.37 0.05 16.97
C ALA C 48 25.07 -0.20 18.29
N GLU C 49 26.32 -0.62 18.26
CA GLU C 49 27.00 -1.03 19.46
C GLU C 49 27.38 0.14 20.31
N LEU C 50 27.73 1.28 19.68
CA LEU C 50 28.03 2.49 20.46
C LEU C 50 26.81 2.95 21.25
N PHE C 51 25.62 2.61 20.80
CA PHE C 51 24.41 3.12 21.43
C PHE C 51 23.72 2.12 22.34
N GLN C 52 24.09 0.83 22.27
CA GLN C 52 23.21 -0.21 22.80
C GLN C 52 22.96 -0.02 24.30
N TRP C 53 24.01 0.22 25.09
CA TRP C 53 23.85 0.33 26.54
C TRP C 53 23.57 1.76 26.98
N LYS C 54 23.15 2.65 26.08
CA LYS C 54 23.01 4.07 26.36
C LYS C 54 21.54 4.44 26.38
N THR C 55 20.88 4.00 27.44
CA THR C 55 19.45 4.27 27.66
C THR C 55 19.00 5.64 27.20
N GLY C 60 23.51 11.65 26.22
CA GLY C 60 23.38 12.19 24.86
C GLY C 60 24.70 12.16 24.11
N PRO C 61 24.76 11.88 22.78
CA PRO C 61 26.03 11.75 22.07
C PRO C 61 27.04 12.88 22.34
N GLN C 62 26.57 14.12 22.39
CA GLN C 62 27.41 15.32 22.67
C GLN C 62 28.09 15.23 24.05
N GLY C 63 27.52 14.52 25.02
CA GLY C 63 28.10 14.31 26.36
C GLY C 63 28.94 13.06 26.46
N TRP C 64 29.27 12.43 25.33
CA TRP C 64 30.11 11.20 25.28
C TRP C 64 31.56 11.62 25.37
N SER C 65 32.45 10.75 25.82
CA SER C 65 33.87 10.99 25.87
C SER C 65 34.46 11.25 24.46
N PRO C 66 35.60 11.96 24.38
CA PRO C 66 36.23 12.18 23.07
C PRO C 66 36.53 10.91 22.30
N ARG C 67 36.79 9.79 22.99
CA ARG C 67 37.09 8.56 22.26
C ARG C 67 35.83 7.96 21.65
N GLU C 68 34.73 7.96 22.41
CA GLU C 68 33.45 7.51 21.91
C GLU C 68 32.95 8.38 20.73
N ARG C 69 33.15 9.70 20.81
CA ARG C 69 32.78 10.58 19.72
C ARG C 69 33.64 10.32 18.50
N ALA C 70 34.93 10.04 18.69
CA ALA C 70 35.76 9.62 17.57
C ALA C 70 35.21 8.36 16.89
N ALA C 71 34.90 7.31 17.67
CA ALA C 71 34.27 6.10 17.13
C ALA C 71 32.97 6.41 16.39
N LEU C 72 32.14 7.31 16.95
CA LEU C 72 30.89 7.65 16.32
C LEU C 72 31.13 8.29 14.96
N GLN C 73 32.06 9.24 14.88
CA GLN C 73 32.38 9.85 13.59
C GLN C 73 32.81 8.79 12.59
N GLU C 74 33.69 7.88 13.01
CA GLU C 74 34.27 6.88 12.14
C GLU C 74 33.22 5.91 11.62
N GLU C 75 32.33 5.45 12.53
CA GLU C 75 31.32 4.48 12.08
C GLU C 75 30.24 5.13 11.23
N LEU C 76 29.84 6.37 11.57
CA LEU C 76 28.94 7.07 10.65
C LEU C 76 29.59 7.20 9.26
N SER C 77 30.88 7.50 9.23
CA SER C 77 31.57 7.66 7.94
C SER C 77 31.67 6.32 7.19
N ASP C 78 31.92 5.20 7.89
CA ASP C 78 31.99 3.90 7.22
C ASP C 78 30.67 3.55 6.57
N VAL C 79 29.56 3.73 7.30
CA VAL C 79 28.23 3.47 6.77
C VAL C 79 28.02 4.27 5.47
N LEU C 80 28.41 5.54 5.47
CA LEU C 80 28.21 6.39 4.31
C LEU C 80 29.07 5.94 3.14
N ILE C 81 30.33 5.57 3.38
CA ILE C 81 31.18 5.14 2.26
C ILE C 81 30.62 3.88 1.61
N TYR C 82 30.20 2.87 2.41
CA TYR C 82 29.65 1.66 1.80
C TYR C 82 28.28 1.92 1.14
N LEU C 83 27.44 2.79 1.71
CA LEU C 83 26.21 3.18 1.02
C LEU C 83 26.51 3.82 -0.34
N VAL C 84 27.50 4.69 -0.37
CA VAL C 84 27.90 5.32 -1.62
C VAL C 84 28.45 4.28 -2.58
N ALA C 85 29.33 3.40 -2.09
CA ALA C 85 29.91 2.38 -2.94
C ALA C 85 28.83 1.50 -3.55
N LEU C 86 27.81 1.15 -2.75
CA LEU C 86 26.73 0.27 -3.22
C LEU C 86 25.81 0.97 -4.23
N ALA C 87 25.45 2.23 -3.95
CA ALA C 87 24.65 3.02 -4.89
C ALA C 87 25.34 3.07 -6.25
N ALA C 88 26.64 3.36 -6.25
CA ALA C 88 27.38 3.45 -7.51
C ALA C 88 27.48 2.10 -8.18
N ARG C 89 27.75 1.04 -7.42
CA ARG C 89 27.83 -0.27 -8.03
C ARG C 89 26.52 -0.63 -8.69
N CYS C 90 25.40 -0.18 -8.14
CA CYS C 90 24.08 -0.38 -8.72
C CYS C 90 23.71 0.69 -9.78
N ARG C 91 24.60 1.59 -10.11
CA ARG C 91 24.33 2.69 -11.08
C ARG C 91 23.09 3.48 -10.68
N VAL C 92 23.01 3.82 -9.40
CA VAL C 92 21.98 4.68 -8.86
C VAL C 92 22.60 6.05 -8.62
N ASP C 93 21.99 7.09 -9.21
CA ASP C 93 22.42 8.48 -9.02
C ASP C 93 21.81 8.90 -7.69
N LEU C 94 22.60 8.69 -6.62
CA LEU C 94 22.03 8.75 -5.27
C LEU C 94 21.50 10.15 -4.93
N PRO C 95 22.16 11.25 -5.27
CA PRO C 95 21.61 12.57 -4.89
C PRO C 95 20.27 12.84 -5.55
N LEU C 96 20.09 12.38 -6.80
CA LEU C 96 18.79 12.63 -7.45
C LEU C 96 17.72 11.74 -6.86
N ALA C 97 18.06 10.48 -6.54
CA ALA C 97 17.10 9.60 -5.91
C ALA C 97 16.59 10.22 -4.61
N VAL C 98 17.46 10.91 -3.87
CA VAL C 98 17.03 11.51 -2.61
C VAL C 98 15.95 12.56 -2.87
N LEU C 99 16.15 13.39 -3.91
CA LEU C 99 15.15 14.39 -4.25
C LEU C 99 13.81 13.75 -4.57
N SER C 100 13.82 12.71 -5.42
CA SER C 100 12.58 11.98 -5.68
C SER C 100 12.00 11.46 -4.37
N LYS C 101 12.85 10.91 -3.51
CA LYS C 101 12.38 10.36 -2.25
C LYS C 101 11.72 11.42 -1.37
N MET C 102 12.30 12.62 -1.29
CA MET C 102 11.66 13.69 -0.51
C MET C 102 10.28 14.05 -1.09
N ASP C 103 10.18 14.12 -2.42
CA ASP C 103 8.86 14.27 -3.04
C ASP C 103 7.90 13.16 -2.61
N ILE C 104 8.34 11.90 -2.69
CA ILE C 104 7.48 10.80 -2.25
C ILE C 104 7.04 11.02 -0.81
N ASN C 105 7.99 11.39 0.10
CA ASN C 105 7.68 11.61 1.50
C ASN C 105 6.65 12.73 1.69
N ARG C 106 6.76 13.81 0.92
CA ARG C 106 5.80 14.90 1.00
C ARG C 106 4.40 14.42 0.63
N ARG C 107 4.28 13.52 -0.36
CA ARG C 107 2.94 13.02 -0.71
C ARG C 107 2.43 12.01 0.30
N ARG C 108 3.28 11.12 0.80
CA ARG C 108 2.89 10.24 1.89
C ARG C 108 2.44 11.01 3.14
N TYR C 109 3.10 12.12 3.47
CA TYR C 109 2.78 12.88 4.70
C TYR C 109 2.45 14.32 4.37
N PRO C 110 1.27 14.58 3.76
CA PRO C 110 0.90 15.92 3.25
C PRO C 110 1.08 17.03 4.28
N GLY D 1 9.88 -5.20 5.01
CA GLY D 1 9.93 -4.96 3.57
C GLY D 1 8.60 -4.65 2.89
N ARG D 2 8.46 -5.19 1.68
CA ARG D 2 7.45 -4.75 0.73
C ARG D 2 6.08 -5.40 0.95
N PHE D 3 5.04 -4.64 0.66
CA PHE D 3 3.70 -5.16 0.67
C PHE D 3 3.42 -5.98 -0.60
N SER D 4 2.73 -7.10 -0.45
CA SER D 4 2.23 -7.84 -1.61
C SER D 4 0.93 -8.53 -1.25
N PHE D 5 0.22 -9.02 -2.27
CA PHE D 5 -0.94 -9.85 -2.05
C PHE D 5 -0.49 -11.29 -1.75
N SER D 6 -1.35 -12.05 -1.10
CA SER D 6 -1.21 -13.49 -1.04
C SER D 6 -1.39 -14.15 -2.41
N PRO D 7 -0.76 -15.31 -2.61
CA PRO D 7 -0.85 -15.95 -3.94
C PRO D 7 -2.22 -16.55 -4.24
N GLU D 8 -3.05 -16.75 -3.23
CA GLU D 8 -4.33 -17.43 -3.35
C GLU D 8 -5.33 -16.80 -2.39
N PRO D 9 -6.63 -16.92 -2.69
CA PRO D 9 -7.31 -17.46 -3.87
C PRO D 9 -7.04 -16.71 -5.17
N THR D 10 -6.99 -17.44 -6.28
CA THR D 10 -6.85 -16.86 -7.61
C THR D 10 -8.22 -16.43 -8.11
N LEU D 11 -8.25 -15.74 -9.26
CA LEU D 11 -9.52 -15.35 -9.85
C LEU D 11 -10.37 -16.58 -10.15
N GLU D 12 -9.77 -17.61 -10.75
CA GLU D 12 -10.49 -18.86 -10.99
C GLU D 12 -11.01 -19.45 -9.68
N ASP D 13 -10.25 -19.33 -8.60
CA ASP D 13 -10.73 -19.81 -7.31
C ASP D 13 -11.97 -19.03 -6.87
N ILE D 14 -11.95 -17.70 -7.03
CA ILE D 14 -13.08 -16.88 -6.59
C ILE D 14 -14.33 -17.16 -7.43
N ARG D 15 -14.16 -17.32 -8.74
CA ARG D 15 -15.33 -17.68 -9.56
C ARG D 15 -16.00 -18.94 -9.00
N ARG D 16 -15.19 -19.96 -8.71
CA ARG D 16 -15.67 -21.26 -8.24
C ARG D 16 -16.39 -21.14 -6.91
N LEU D 17 -15.79 -20.39 -5.98
CA LEU D 17 -16.42 -20.20 -4.68
C LEU D 17 -17.75 -19.51 -4.80
N HIS D 18 -17.85 -18.54 -5.71
CA HIS D 18 -19.11 -17.82 -5.80
C HIS D 18 -20.14 -18.62 -6.57
N ALA D 19 -19.72 -19.40 -7.59
CA ALA D 19 -20.65 -20.30 -8.24
C ALA D 19 -21.28 -21.25 -7.21
N GLU D 20 -20.44 -21.88 -6.39
CA GLU D 20 -20.89 -22.80 -5.34
C GLU D 20 -21.81 -22.10 -4.34
N PHE D 21 -21.34 -21.01 -3.74
CA PHE D 21 -22.17 -20.21 -2.87
C PHE D 21 -23.52 -19.90 -3.49
N ALA D 22 -23.53 -19.54 -4.77
CA ALA D 22 -24.81 -19.18 -5.39
C ALA D 22 -25.65 -20.42 -5.68
N ALA D 23 -25.02 -21.52 -6.08
CA ALA D 23 -25.77 -22.75 -6.34
C ALA D 23 -26.45 -23.26 -5.08
N GLU D 24 -25.69 -23.36 -3.98
CA GLU D 24 -26.24 -23.81 -2.70
C GLU D 24 -27.48 -23.05 -2.27
N ARG D 25 -27.75 -21.88 -2.85
CA ARG D 25 -28.90 -21.07 -2.43
C ARG D 25 -29.90 -20.83 -3.53
N ASP D 26 -29.70 -21.39 -4.73
CA ASP D 26 -30.64 -21.20 -5.84
C ASP D 26 -30.77 -19.71 -6.17
N TRP D 27 -29.62 -19.03 -6.30
CA TRP D 27 -29.57 -17.57 -6.54
C TRP D 27 -29.09 -17.23 -7.95
N GLU D 28 -28.74 -18.22 -8.73
CA GLU D 28 -28.21 -18.02 -10.10
C GLU D 28 -29.33 -17.43 -10.96
N GLN D 29 -30.59 -17.60 -10.57
CA GLN D 29 -31.74 -17.01 -11.29
C GLN D 29 -31.72 -15.48 -11.18
N PHE D 30 -31.11 -14.94 -10.13
CA PHE D 30 -30.98 -13.49 -9.88
C PHE D 30 -29.62 -12.98 -10.39
N HIS D 31 -28.80 -13.77 -11.08
CA HIS D 31 -27.46 -13.34 -11.50
C HIS D 31 -27.36 -13.06 -12.98
N GLN D 32 -28.40 -12.43 -13.56
CA GLN D 32 -28.30 -11.87 -14.89
C GLN D 32 -27.18 -10.86 -14.93
N PRO D 33 -26.51 -10.71 -16.08
CA PRO D 33 -25.41 -9.72 -16.18
C PRO D 33 -25.78 -8.32 -15.70
N ARG D 34 -26.94 -7.78 -16.12
CA ARG D 34 -27.24 -6.41 -15.72
C ARG D 34 -27.52 -6.29 -14.24
N ASN D 35 -27.96 -7.35 -13.57
CA ASN D 35 -28.08 -7.36 -12.11
C ASN D 35 -26.70 -7.32 -11.44
N LEU D 36 -25.80 -8.21 -11.87
CA LEU D 36 -24.45 -8.20 -11.32
C LEU D 36 -23.81 -6.83 -11.49
N LEU D 37 -23.96 -6.23 -12.68
CA LEU D 37 -23.39 -4.91 -12.96
C LEU D 37 -23.93 -3.86 -12.00
N LEU D 38 -25.24 -3.84 -11.81
CA LEU D 38 -25.82 -2.88 -10.91
C LEU D 38 -25.46 -3.18 -9.47
N ALA D 39 -25.30 -4.45 -9.12
CA ALA D 39 -24.78 -4.77 -7.79
C ALA D 39 -23.38 -4.19 -7.63
N LEU D 40 -22.56 -4.33 -8.69
CA LEU D 40 -21.21 -3.79 -8.69
C LEU D 40 -21.21 -2.27 -8.54
N VAL D 41 -22.07 -1.58 -9.29
CA VAL D 41 -22.19 -0.13 -9.19
C VAL D 41 -22.54 0.26 -7.77
N GLY D 42 -23.49 -0.41 -7.15
CA GLY D 42 -23.92 -0.09 -5.79
C GLY D 42 -22.76 -0.20 -4.83
N GLU D 43 -21.92 -1.19 -5.05
CA GLU D 43 -20.76 -1.47 -4.19
C GLU D 43 -19.63 -0.45 -4.38
N VAL D 44 -19.39 0.02 -5.60
CA VAL D 44 -18.40 1.09 -5.88
C VAL D 44 -18.91 2.33 -5.16
N GLY D 45 -20.21 2.53 -5.18
CA GLY D 45 -20.84 3.62 -4.43
C GLY D 45 -20.49 3.55 -2.97
N GLU D 46 -20.55 2.38 -2.35
CA GLU D 46 -20.24 2.19 -0.90
C GLU D 46 -18.77 2.52 -0.67
N LEU D 47 -17.90 2.14 -1.59
CA LEU D 47 -16.46 2.45 -1.52
C LEU D 47 -16.30 3.99 -1.60
N ALA D 48 -17.06 4.68 -2.43
CA ALA D 48 -17.03 6.15 -2.57
C ALA D 48 -17.45 6.83 -1.28
N GLU D 49 -18.46 6.30 -0.58
CA GLU D 49 -18.91 6.93 0.65
C GLU D 49 -17.84 6.89 1.72
N LEU D 50 -17.01 5.84 1.72
CA LEU D 50 -15.91 5.83 2.68
C LEU D 50 -14.95 6.99 2.42
N PHE D 51 -14.69 7.31 1.15
CA PHE D 51 -13.65 8.26 0.80
C PHE D 51 -14.15 9.69 0.62
N GLN D 52 -15.45 9.92 0.61
CA GLN D 52 -15.98 11.16 0.01
C GLN D 52 -15.56 12.43 0.76
N TRP D 53 -15.39 12.40 2.08
CA TRP D 53 -15.03 13.58 2.91
C TRP D 53 -13.58 13.50 3.38
N LYS D 54 -12.79 12.57 2.87
CA LYS D 54 -11.37 12.38 3.27
C LYS D 54 -10.50 13.18 2.32
N THR D 55 -9.19 13.15 2.50
CA THR D 55 -8.22 13.79 1.59
C THR D 55 -7.01 12.85 1.57
N PRO D 61 -5.70 4.93 4.94
CA PRO D 61 -6.77 3.93 5.05
C PRO D 61 -6.46 2.90 6.14
N GLN D 62 -5.19 2.73 6.53
CA GLN D 62 -4.81 1.80 7.64
C GLN D 62 -4.92 2.54 8.97
N GLY D 63 -5.04 3.88 8.96
CA GLY D 63 -5.22 4.70 10.17
C GLY D 63 -6.65 5.18 10.30
N TRP D 64 -7.61 4.55 9.61
CA TRP D 64 -9.05 4.86 9.74
C TRP D 64 -9.55 4.19 11.02
N SER D 65 -10.81 4.35 11.41
CA SER D 65 -11.39 3.65 12.59
C SER D 65 -11.43 2.14 12.32
N PRO D 66 -11.42 1.23 13.30
CA PRO D 66 -11.62 -0.22 13.06
C PRO D 66 -12.78 -0.56 12.16
N ARG D 67 -13.95 0.05 12.38
CA ARG D 67 -15.12 -0.20 11.55
C ARG D 67 -14.90 0.25 10.11
N GLU D 68 -14.20 1.37 9.92
CA GLU D 68 -13.95 1.92 8.59
C GLU D 68 -12.98 1.06 7.80
N ARG D 69 -11.88 0.62 8.44
CA ARG D 69 -10.96 -0.31 7.78
C ARG D 69 -11.67 -1.60 7.39
N ALA D 70 -12.54 -2.10 8.26
CA ALA D 70 -13.23 -3.34 7.96
C ALA D 70 -14.20 -3.16 6.79
N ALA D 71 -14.94 -2.03 6.76
CA ALA D 71 -15.82 -1.72 5.65
C ALA D 71 -15.04 -1.58 4.35
N LEU D 72 -13.87 -0.95 4.38
CA LEU D 72 -13.07 -0.82 3.16
C LEU D 72 -12.74 -2.19 2.57
N GLN D 73 -12.24 -3.14 3.38
CA GLN D 73 -11.85 -4.49 2.89
C GLN D 73 -13.06 -5.25 2.38
N GLU D 74 -14.21 -5.13 3.06
CA GLU D 74 -15.47 -5.79 2.66
C GLU D 74 -16.05 -5.20 1.38
N GLU D 75 -15.87 -3.90 1.13
CA GLU D 75 -16.40 -3.20 -0.07
C GLU D 75 -15.48 -3.48 -1.25
N LEU D 76 -14.17 -3.49 -1.08
CA LEU D 76 -13.22 -3.85 -2.16
C LEU D 76 -13.46 -5.30 -2.55
N SER D 77 -13.75 -6.17 -1.58
CA SER D 77 -13.94 -7.61 -1.80
C SER D 77 -15.24 -7.84 -2.56
N ASP D 78 -16.34 -7.16 -2.24
CA ASP D 78 -17.64 -7.32 -2.92
C ASP D 78 -17.57 -6.84 -4.38
N VAL D 79 -16.94 -5.69 -4.62
CA VAL D 79 -16.68 -5.27 -5.98
C VAL D 79 -15.94 -6.35 -6.75
N LEU D 80 -14.89 -6.91 -6.15
CA LEU D 80 -14.17 -7.97 -6.82
C LEU D 80 -15.08 -9.16 -7.10
N ILE D 81 -15.92 -9.53 -6.14
CA ILE D 81 -16.75 -10.74 -6.30
C ILE D 81 -17.77 -10.52 -7.42
N TYR D 82 -18.51 -9.42 -7.38
CA TYR D 82 -19.47 -9.15 -8.45
C TYR D 82 -18.78 -9.01 -9.79
N LEU D 83 -17.62 -8.36 -9.82
CA LEU D 83 -16.89 -8.29 -11.08
C LEU D 83 -16.57 -9.70 -11.59
N VAL D 84 -16.05 -10.58 -10.72
CA VAL D 84 -15.75 -11.96 -11.17
C VAL D 84 -17.03 -12.65 -11.63
N ALA D 85 -18.12 -12.49 -10.86
CA ALA D 85 -19.37 -13.15 -11.23
C ALA D 85 -19.86 -12.61 -12.56
N LEU D 86 -19.67 -11.32 -12.80
CA LEU D 86 -20.17 -10.73 -14.02
C LEU D 86 -19.37 -11.23 -15.20
N ALA D 87 -18.03 -11.23 -15.08
CA ALA D 87 -17.21 -11.73 -16.17
C ALA D 87 -17.58 -13.18 -16.52
N ALA D 88 -17.79 -14.03 -15.49
CA ALA D 88 -18.11 -15.44 -15.74
C ALA D 88 -19.46 -15.58 -16.43
N ARG D 89 -20.47 -14.84 -15.98
CA ARG D 89 -21.77 -14.87 -16.62
C ARG D 89 -21.69 -14.43 -18.09
N CYS D 90 -20.77 -13.53 -18.45
CA CYS D 90 -20.56 -13.11 -19.83
C CYS D 90 -19.59 -13.99 -20.58
N ARG D 91 -19.09 -15.03 -19.92
CA ARG D 91 -18.16 -16.00 -20.50
C ARG D 91 -16.92 -15.29 -21.01
N VAL D 92 -16.46 -14.33 -20.24
CA VAL D 92 -15.19 -13.66 -20.49
C VAL D 92 -14.12 -14.28 -19.59
N ASP D 93 -13.00 -14.68 -20.19
CA ASP D 93 -11.88 -15.20 -19.45
C ASP D 93 -11.09 -14.02 -18.87
N LEU D 94 -11.43 -13.65 -17.65
CA LEU D 94 -10.96 -12.37 -17.10
C LEU D 94 -9.44 -12.28 -16.95
N PRO D 95 -8.72 -13.31 -16.48
CA PRO D 95 -7.26 -13.17 -16.43
C PRO D 95 -6.60 -12.97 -17.80
N LEU D 96 -7.00 -13.71 -18.82
CA LEU D 96 -6.42 -13.50 -20.15
C LEU D 96 -6.80 -12.14 -20.72
N ALA D 97 -8.01 -11.67 -20.45
CA ALA D 97 -8.38 -10.34 -20.91
C ALA D 97 -7.50 -9.27 -20.31
N VAL D 98 -7.05 -9.46 -19.06
CA VAL D 98 -6.18 -8.45 -18.43
C VAL D 98 -4.82 -8.39 -19.11
N LEU D 99 -4.26 -9.55 -19.45
CA LEU D 99 -3.02 -9.62 -20.22
C LEU D 99 -3.15 -8.90 -21.55
N SER D 100 -4.22 -9.18 -22.29
CA SER D 100 -4.45 -8.48 -23.54
C SER D 100 -4.63 -6.97 -23.32
N LYS D 101 -5.34 -6.57 -22.27
CA LYS D 101 -5.51 -5.16 -22.01
C LYS D 101 -4.17 -4.47 -21.68
N MET D 102 -3.31 -5.12 -20.87
CA MET D 102 -2.00 -4.53 -20.57
C MET D 102 -1.17 -4.33 -21.83
N ASP D 103 -1.19 -5.30 -22.76
CA ASP D 103 -0.54 -5.12 -24.06
C ASP D 103 -1.07 -3.87 -24.75
N ILE D 104 -2.40 -3.72 -24.77
CA ILE D 104 -3.01 -2.52 -25.35
C ILE D 104 -2.45 -1.28 -24.67
N ASN D 105 -2.39 -1.29 -23.33
CA ASN D 105 -1.90 -0.12 -22.61
C ASN D 105 -0.44 0.18 -22.94
N ARG D 106 0.38 -0.84 -23.13
CA ARG D 106 1.78 -0.58 -23.43
C ARG D 106 1.94 0.13 -24.78
N ARG D 107 1.13 -0.27 -25.79
CA ARG D 107 1.16 0.41 -27.07
C ARG D 107 0.60 1.83 -26.99
N ARG D 108 -0.47 2.04 -26.19
CA ARG D 108 -1.08 3.36 -26.11
C ARG D 108 -0.16 4.36 -25.40
N TYR D 109 0.62 3.91 -24.43
CA TYR D 109 1.53 4.74 -23.66
C TYR D 109 2.93 4.15 -23.76
N PRO D 110 3.62 4.37 -24.90
CA PRO D 110 4.89 3.66 -25.13
C PRO D 110 5.99 4.08 -24.15
N PHE E 3 7.67 -14.31 35.21
CA PHE E 3 7.44 -14.57 33.80
C PHE E 3 8.26 -15.72 33.23
N SER E 4 7.70 -16.39 32.22
CA SER E 4 8.42 -17.48 31.58
C SER E 4 7.75 -17.84 30.24
N PHE E 5 8.51 -18.55 29.39
CA PHE E 5 8.00 -19.04 28.12
C PHE E 5 7.23 -20.33 28.33
N SER E 6 6.39 -20.68 27.33
CA SER E 6 5.83 -22.03 27.25
C SER E 6 6.94 -23.05 27.02
N PRO E 7 6.72 -24.32 27.42
CA PRO E 7 7.79 -25.33 27.27
C PRO E 7 8.00 -25.81 25.84
N GLU E 8 7.04 -25.59 24.95
CA GLU E 8 7.19 -26.06 23.58
C GLU E 8 6.49 -25.06 22.65
N PRO E 9 6.90 -25.00 21.37
CA PRO E 9 7.99 -25.69 20.66
C PRO E 9 9.37 -25.34 21.14
N THR E 10 10.24 -26.34 21.08
CA THR E 10 11.67 -26.15 21.31
C THR E 10 12.34 -25.68 20.03
N LEU E 11 13.64 -25.45 20.11
CA LEU E 11 14.38 -25.05 18.93
C LEU E 11 14.38 -26.15 17.87
N GLU E 12 14.51 -27.41 18.31
CA GLU E 12 14.46 -28.50 17.34
C GLU E 12 13.08 -28.59 16.69
N ASP E 13 12.02 -28.45 17.48
CA ASP E 13 10.67 -28.37 16.91
C ASP E 13 10.61 -27.29 15.83
N ILE E 14 11.17 -26.11 16.12
CA ILE E 14 11.10 -25.00 15.19
C ILE E 14 11.91 -25.31 13.93
N ARG E 15 13.08 -25.94 14.09
CA ARG E 15 13.87 -26.29 12.91
C ARG E 15 13.13 -27.28 12.02
N ARG E 16 12.47 -28.28 12.64
CA ARG E 16 11.73 -29.30 11.89
C ARG E 16 10.52 -28.70 11.17
N LEU E 17 9.68 -27.96 11.89
CA LEU E 17 8.51 -27.36 11.26
C LEU E 17 8.94 -26.47 10.09
N HIS E 18 10.06 -25.77 10.24
CA HIS E 18 10.40 -24.85 9.17
C HIS E 18 11.02 -25.58 7.98
N ALA E 19 11.88 -26.57 8.26
CA ALA E 19 12.45 -27.37 7.18
C ALA E 19 11.35 -28.09 6.39
N GLU E 20 10.32 -28.57 7.08
CA GLU E 20 9.22 -29.26 6.40
C GLU E 20 8.39 -28.27 5.58
N PHE E 21 8.00 -27.16 6.21
CA PHE E 21 7.36 -26.05 5.50
C PHE E 21 8.12 -25.70 4.23
N ALA E 22 9.42 -25.48 4.34
CA ALA E 22 10.23 -25.10 3.19
C ALA E 22 10.37 -26.22 2.16
N ALA E 23 10.51 -27.46 2.58
CA ALA E 23 10.74 -28.50 1.60
C ALA E 23 9.47 -28.86 0.87
N GLU E 24 8.31 -28.72 1.51
CA GLU E 24 7.05 -28.93 0.83
C GLU E 24 6.80 -27.92 -0.28
N ARG E 25 7.44 -26.75 -0.22
CA ARG E 25 7.19 -25.68 -1.20
C ARG E 25 8.33 -25.54 -2.20
N ASP E 26 9.36 -26.41 -2.12
CA ASP E 26 10.59 -26.32 -2.93
C ASP E 26 11.28 -24.96 -2.78
N TRP E 27 11.45 -24.53 -1.53
CA TRP E 27 12.13 -23.28 -1.21
C TRP E 27 13.56 -23.49 -0.76
N GLU E 28 13.95 -24.74 -0.46
CA GLU E 28 15.29 -24.98 0.07
C GLU E 28 16.36 -24.54 -0.92
N GLN E 29 16.06 -24.57 -2.21
CA GLN E 29 17.04 -24.09 -3.20
C GLN E 29 17.32 -22.59 -3.08
N PHE E 30 16.49 -21.83 -2.37
CA PHE E 30 16.74 -20.40 -2.15
C PHE E 30 17.39 -20.10 -0.80
N HIS E 31 17.69 -21.12 0.00
CA HIS E 31 18.12 -20.93 1.38
C HIS E 31 19.61 -21.12 1.56
N GLN E 32 20.38 -20.66 0.58
CA GLN E 32 21.80 -20.45 0.74
C GLN E 32 22.04 -19.55 1.94
N PRO E 33 23.15 -19.75 2.65
CA PRO E 33 23.38 -18.99 3.89
C PRO E 33 23.22 -17.48 3.72
N ARG E 34 23.86 -16.87 2.72
CA ARG E 34 23.81 -15.42 2.61
C ARG E 34 22.41 -14.93 2.28
N ASN E 35 21.57 -15.77 1.66
CA ASN E 35 20.17 -15.39 1.46
C ASN E 35 19.45 -15.31 2.81
N LEU E 36 19.64 -16.33 3.64
CA LEU E 36 18.97 -16.39 4.93
C LEU E 36 19.48 -15.30 5.85
N LEU E 37 20.76 -14.97 5.74
CA LEU E 37 21.31 -13.90 6.57
C LEU E 37 20.70 -12.54 6.21
N LEU E 38 20.50 -12.28 4.91
CA LEU E 38 19.85 -11.04 4.52
C LEU E 38 18.36 -11.05 4.87
N ALA E 39 17.70 -12.21 4.83
CA ALA E 39 16.30 -12.28 5.24
C ALA E 39 16.19 -12.00 6.72
N LEU E 40 17.14 -12.50 7.48
CA LEU E 40 17.25 -12.18 8.88
C LEU E 40 17.41 -10.68 9.08
N VAL E 41 18.35 -10.07 8.35
CA VAL E 41 18.55 -8.62 8.49
C VAL E 41 17.26 -7.89 8.21
N GLY E 42 16.50 -8.36 7.21
CA GLY E 42 15.26 -7.68 6.87
C GLY E 42 14.21 -7.80 7.95
N GLU E 43 14.11 -8.96 8.57
CA GLU E 43 13.19 -9.14 9.69
C GLU E 43 13.66 -8.35 10.93
N VAL E 44 14.96 -8.30 11.16
CA VAL E 44 15.42 -7.46 12.27
C VAL E 44 15.02 -6.02 11.99
N GLY E 45 15.04 -5.63 10.73
CA GLY E 45 14.58 -4.29 10.37
C GLY E 45 13.12 -4.04 10.67
N GLU E 46 12.24 -5.02 10.40
CA GLU E 46 10.82 -4.86 10.73
C GLU E 46 10.59 -4.83 12.25
N LEU E 47 11.41 -5.55 13.01
CA LEU E 47 11.34 -5.49 14.46
C LEU E 47 11.71 -4.10 14.95
N ALA E 48 12.75 -3.52 14.35
CA ALA E 48 13.23 -2.20 14.74
C ALA E 48 12.24 -1.08 14.44
N GLU E 49 11.45 -1.22 13.37
CA GLU E 49 10.46 -0.21 13.03
C GLU E 49 9.37 -0.12 14.10
N LEU E 50 9.11 -1.22 14.80
CA LEU E 50 8.15 -1.18 15.89
C LEU E 50 8.62 -0.31 17.06
N PHE E 51 9.93 -0.26 17.32
CA PHE E 51 10.47 0.45 18.45
C PHE E 51 10.97 1.86 18.13
N GLN E 52 11.00 2.24 16.86
CA GLN E 52 11.87 3.35 16.45
C GLN E 52 11.39 4.70 17.00
N TRP E 53 10.08 4.89 17.14
CA TRP E 53 9.53 6.11 17.69
C TRP E 53 9.10 5.93 19.13
N LYS E 54 9.50 4.83 19.79
CA LYS E 54 9.08 4.49 21.15
C LYS E 54 10.24 4.45 22.14
N THR E 55 10.58 5.61 22.70
CA THR E 55 11.60 5.72 23.74
C THR E 55 11.35 4.76 24.91
N ASP E 56 12.41 4.30 25.59
CA ASP E 56 12.30 3.40 26.76
C ASP E 56 11.59 4.14 27.90
N GLY E 57 10.61 3.51 28.55
CA GLY E 57 9.80 4.19 29.56
C GLY E 57 9.02 3.25 30.44
N PRO E 61 7.01 -2.23 26.32
CA PRO E 61 6.26 -3.19 25.53
C PRO E 61 5.34 -4.06 26.38
N GLN E 62 5.68 -4.34 27.64
CA GLN E 62 4.78 -5.07 28.57
C GLN E 62 3.52 -4.24 28.77
N GLY E 63 3.51 -2.92 28.48
CA GLY E 63 2.31 -2.12 28.54
C GLY E 63 1.71 -1.73 27.21
N TRP E 64 2.19 -2.21 26.08
CA TRP E 64 1.57 -1.89 24.79
C TRP E 64 0.16 -2.52 24.71
N SER E 65 -0.57 -2.15 23.65
CA SER E 65 -1.89 -2.72 23.48
C SER E 65 -1.74 -4.18 23.02
N PRO E 66 -2.75 -5.01 23.24
CA PRO E 66 -2.69 -6.36 22.66
C PRO E 66 -2.45 -6.36 21.16
N ARG E 67 -2.94 -5.33 20.43
CA ARG E 67 -2.79 -5.31 18.98
C ARG E 67 -1.34 -5.04 18.58
N GLU E 68 -0.71 -4.05 19.22
CA GLU E 68 0.67 -3.77 18.85
C GLU E 68 1.61 -4.79 19.47
N ARG E 69 1.21 -5.48 20.54
CA ARG E 69 1.97 -6.63 20.99
C ARG E 69 1.79 -7.79 20.02
N ALA E 70 0.74 -7.79 19.21
CA ALA E 70 0.59 -8.83 18.19
C ALA E 70 1.63 -8.66 17.10
N ALA E 71 1.79 -7.43 16.60
CA ALA E 71 2.84 -7.15 15.61
C ALA E 71 4.22 -7.47 16.17
N LEU E 72 4.45 -7.20 17.47
CA LEU E 72 5.74 -7.53 18.08
C LEU E 72 5.96 -9.04 18.14
N GLN E 73 4.93 -9.83 18.46
CA GLN E 73 5.12 -11.28 18.53
C GLN E 73 5.52 -11.85 17.17
N GLU E 74 4.89 -11.36 16.11
CA GLU E 74 5.20 -11.82 14.76
C GLU E 74 6.63 -11.49 14.38
N GLU E 75 7.06 -10.23 14.60
CA GLU E 75 8.40 -9.85 14.17
C GLU E 75 9.47 -10.59 14.97
N LEU E 76 9.28 -10.76 16.28
CA LEU E 76 10.21 -11.56 17.06
C LEU E 76 10.23 -13.00 16.54
N SER E 77 9.08 -13.51 16.12
CA SER E 77 9.04 -14.88 15.61
C SER E 77 9.76 -14.98 14.26
N ASP E 78 9.61 -13.96 13.40
CA ASP E 78 10.26 -13.99 12.07
C ASP E 78 11.76 -13.99 12.22
N VAL E 79 12.29 -13.17 13.14
CA VAL E 79 13.71 -13.19 13.38
C VAL E 79 14.14 -14.60 13.83
N LEU E 80 13.45 -15.17 14.81
CA LEU E 80 13.83 -16.47 15.33
C LEU E 80 13.81 -17.53 14.22
N ILE E 81 12.80 -17.52 13.37
CA ILE E 81 12.66 -18.58 12.37
C ILE E 81 13.83 -18.54 11.39
N TYR E 82 14.19 -17.34 10.91
CA TYR E 82 15.32 -17.21 9.98
C TYR E 82 16.65 -17.48 10.65
N LEU E 83 16.78 -17.12 11.93
CA LEU E 83 17.99 -17.46 12.66
C LEU E 83 18.16 -18.98 12.77
N VAL E 84 17.06 -19.70 13.05
CA VAL E 84 17.10 -21.18 13.12
C VAL E 84 17.39 -21.77 11.74
N ALA E 85 16.76 -21.24 10.69
CA ALA E 85 17.04 -21.69 9.33
C ALA E 85 18.50 -21.52 8.98
N LEU E 86 19.06 -20.35 9.27
CA LEU E 86 20.45 -20.06 8.96
C LEU E 86 21.39 -21.01 9.69
N ALA E 87 21.16 -21.21 10.99
CA ALA E 87 22.04 -22.03 11.80
C ALA E 87 22.04 -23.48 11.28
N ALA E 88 20.85 -24.00 11.02
CA ALA E 88 20.68 -25.33 10.45
C ALA E 88 21.31 -25.43 9.07
N ARG E 89 21.18 -24.41 8.22
CA ARG E 89 21.82 -24.48 6.91
C ARG E 89 23.33 -24.55 7.05
N CYS E 90 23.88 -23.94 8.10
CA CYS E 90 25.30 -23.93 8.39
C CYS E 90 25.73 -25.15 9.21
N ARG E 91 24.83 -26.09 9.48
CA ARG E 91 25.13 -27.29 10.27
C ARG E 91 25.71 -26.91 11.64
N VAL E 92 25.02 -25.97 12.31
CA VAL E 92 25.36 -25.52 13.65
C VAL E 92 24.27 -26.01 14.60
N ASP E 93 24.67 -26.77 15.61
CA ASP E 93 23.74 -27.23 16.65
C ASP E 93 23.54 -26.07 17.61
N LEU E 94 22.45 -25.31 17.36
CA LEU E 94 22.30 -23.99 17.99
C LEU E 94 22.08 -24.08 19.49
N PRO E 95 21.25 -24.99 20.02
CA PRO E 95 21.10 -25.04 21.49
C PRO E 95 22.40 -25.38 22.21
N LEU E 96 23.24 -26.26 21.64
CA LEU E 96 24.53 -26.55 22.27
C LEU E 96 25.50 -25.38 22.16
N ALA E 97 25.50 -24.70 21.02
CA ALA E 97 26.33 -23.50 20.83
C ALA E 97 26.00 -22.47 21.89
N VAL E 98 24.72 -22.33 22.23
CA VAL E 98 24.26 -21.36 23.25
C VAL E 98 24.75 -21.83 24.63
N LEU E 99 24.83 -23.12 24.93
CA LEU E 99 25.39 -23.61 26.22
C LEU E 99 26.88 -23.34 26.26
N SER E 100 27.61 -23.54 25.18
CA SER E 100 29.04 -23.22 25.10
C SER E 100 29.23 -21.72 25.32
N LYS E 101 28.41 -20.86 24.74
CA LYS E 101 28.52 -19.41 24.88
C LYS E 101 28.25 -18.98 26.32
N MET E 102 27.19 -19.53 26.94
CA MET E 102 26.89 -19.22 28.35
C MET E 102 28.07 -19.63 29.26
N ASP E 103 28.64 -20.81 29.05
CA ASP E 103 29.81 -21.24 29.83
C ASP E 103 30.96 -20.26 29.70
N ILE E 104 31.22 -19.75 28.49
CA ILE E 104 32.30 -18.76 28.25
C ILE E 104 31.96 -17.49 29.04
N ASN E 105 30.71 -17.04 29.00
CA ASN E 105 30.27 -15.78 29.65
C ASN E 105 30.42 -15.86 31.17
N ARG E 106 30.22 -17.01 31.78
CA ARG E 106 30.36 -17.19 33.25
C ARG E 106 31.83 -17.06 33.62
N ARG E 107 32.74 -17.57 32.80
CA ARG E 107 34.19 -17.54 33.08
C ARG E 107 34.78 -16.16 32.79
N ARG E 108 34.26 -15.44 31.79
CA ARG E 108 34.79 -14.11 31.39
C ARG E 108 34.32 -13.07 32.39
N TYR E 109 33.07 -13.14 32.83
CA TYR E 109 32.48 -12.25 33.83
C TYR E 109 32.24 -13.03 35.11
N PRO E 110 33.29 -13.31 35.91
CA PRO E 110 33.16 -14.00 37.19
C PRO E 110 32.46 -13.16 38.26
N ARG F 2 -51.66 13.24 -18.35
CA ARG F 2 -50.36 13.80 -18.79
C ARG F 2 -49.45 13.95 -17.58
N PHE F 3 -48.50 13.03 -17.37
CA PHE F 3 -47.55 13.09 -16.24
C PHE F 3 -46.75 14.38 -16.36
N SER F 4 -46.51 15.03 -15.23
CA SER F 4 -45.74 16.28 -15.19
C SER F 4 -45.18 16.44 -13.78
N PHE F 5 -43.98 16.95 -13.64
CA PHE F 5 -43.38 17.31 -12.34
C PHE F 5 -44.05 18.58 -11.84
N SER F 6 -43.99 18.84 -10.54
CA SER F 6 -44.53 20.07 -9.93
C SER F 6 -43.67 21.24 -10.40
N PRO F 7 -44.13 22.51 -10.35
CA PRO F 7 -43.36 23.61 -10.95
C PRO F 7 -42.32 24.26 -10.07
N GLU F 8 -42.32 23.99 -8.75
CA GLU F 8 -41.27 24.41 -7.86
C GLU F 8 -41.00 23.21 -6.89
N PRO F 9 -39.78 23.15 -6.35
CA PRO F 9 -38.60 24.00 -6.55
C PRO F 9 -37.91 23.83 -7.89
N THR F 10 -37.46 24.95 -8.41
CA THR F 10 -36.61 24.99 -9.59
C THR F 10 -35.19 24.57 -9.19
N LEU F 11 -34.35 24.38 -10.19
CA LEU F 11 -32.94 24.09 -9.90
C LEU F 11 -32.30 25.23 -9.13
N GLU F 12 -32.73 26.48 -9.38
CA GLU F 12 -32.14 27.59 -8.64
C GLU F 12 -32.60 27.58 -7.20
N ASP F 13 -33.85 27.19 -6.95
CA ASP F 13 -34.31 27.02 -5.58
C ASP F 13 -33.46 25.98 -4.86
N ILE F 14 -33.28 24.81 -5.50
CA ILE F 14 -32.53 23.72 -4.88
C ILE F 14 -31.15 24.19 -4.46
N ARG F 15 -30.44 24.88 -5.37
CA ARG F 15 -29.10 25.32 -5.04
C ARG F 15 -29.11 26.23 -3.81
N ARG F 16 -30.05 27.20 -3.79
CA ARG F 16 -30.16 28.13 -2.67
C ARG F 16 -30.54 27.40 -1.38
N LEU F 17 -31.55 26.52 -1.45
CA LEU F 17 -31.87 25.70 -0.28
C LEU F 17 -30.65 24.94 0.22
N HIS F 18 -29.95 24.23 -0.68
CA HIS F 18 -28.81 23.46 -0.22
C HIS F 18 -27.70 24.36 0.33
N ALA F 19 -27.35 25.43 -0.40
CA ALA F 19 -26.31 26.34 0.08
C ALA F 19 -26.67 26.95 1.44
N GLU F 20 -27.96 27.17 1.70
CA GLU F 20 -28.35 27.71 3.00
C GLU F 20 -28.21 26.66 4.10
N PHE F 21 -28.72 25.47 3.84
CA PHE F 21 -28.47 24.31 4.67
C PHE F 21 -27.01 24.21 5.06
N ALA F 22 -26.13 24.28 4.06
CA ALA F 22 -24.72 24.01 4.30
C ALA F 22 -24.05 25.16 5.04
N ALA F 23 -24.46 26.41 4.75
CA ALA F 23 -23.85 27.56 5.41
C ALA F 23 -24.21 27.59 6.90
N GLU F 24 -25.48 27.27 7.21
CA GLU F 24 -25.92 27.15 8.60
C GLU F 24 -25.07 26.19 9.42
N ARG F 25 -24.52 25.15 8.79
CA ARG F 25 -23.78 24.14 9.54
C ARG F 25 -22.29 24.30 9.41
N ASP F 26 -21.81 25.30 8.67
CA ASP F 26 -20.38 25.46 8.39
C ASP F 26 -19.82 24.23 7.66
N TRP F 27 -20.51 23.80 6.61
CA TRP F 27 -20.14 22.64 5.83
C TRP F 27 -19.49 22.98 4.50
N GLU F 28 -19.61 24.22 4.03
CA GLU F 28 -19.12 24.59 2.70
C GLU F 28 -17.62 24.33 2.60
N GLN F 29 -16.93 24.33 3.74
CA GLN F 29 -15.54 23.94 3.80
C GLN F 29 -15.29 22.50 3.37
N PHE F 30 -16.30 21.65 3.38
CA PHE F 30 -16.16 20.25 3.00
C PHE F 30 -16.59 19.99 1.58
N HIS F 31 -17.00 21.01 0.84
CA HIS F 31 -17.63 20.81 -0.45
C HIS F 31 -16.70 21.17 -1.62
N GLN F 32 -15.43 20.83 -1.51
CA GLN F 32 -14.56 20.86 -2.66
C GLN F 32 -15.12 19.93 -3.72
N PRO F 33 -14.89 20.22 -5.00
CA PRO F 33 -15.60 19.48 -6.07
C PRO F 33 -15.44 17.96 -6.01
N ARG F 34 -14.24 17.44 -5.69
CA ARG F 34 -14.04 16.01 -5.74
C ARG F 34 -14.77 15.29 -4.61
N ASN F 35 -14.92 15.95 -3.46
CA ASN F 35 -15.78 15.45 -2.38
C ASN F 35 -17.22 15.32 -2.82
N LEU F 36 -17.76 16.39 -3.42
CA LEU F 36 -19.14 16.37 -3.90
C LEU F 36 -19.31 15.35 -5.01
N LEU F 37 -18.33 15.26 -5.90
CA LEU F 37 -18.38 14.25 -6.94
C LEU F 37 -18.49 12.83 -6.34
N LEU F 38 -17.65 12.52 -5.36
CA LEU F 38 -17.67 11.20 -4.71
C LEU F 38 -18.95 10.97 -3.90
N ALA F 39 -19.51 12.04 -3.28
CA ALA F 39 -20.80 11.88 -2.62
C ALA F 39 -21.90 11.60 -3.63
N LEU F 40 -21.84 12.25 -4.81
CA LEU F 40 -22.75 11.93 -5.91
C LEU F 40 -22.60 10.47 -6.33
N VAL F 41 -21.38 10.03 -6.61
CA VAL F 41 -21.16 8.62 -6.91
C VAL F 41 -21.83 7.78 -5.85
N GLY F 42 -21.68 8.17 -4.58
CA GLY F 42 -22.27 7.39 -3.49
C GLY F 42 -23.78 7.24 -3.62
N GLU F 43 -24.46 8.34 -3.93
CA GLU F 43 -25.91 8.29 -4.02
C GLU F 43 -26.35 7.49 -5.24
N VAL F 44 -25.60 7.59 -6.34
CA VAL F 44 -25.96 6.84 -7.53
C VAL F 44 -25.86 5.35 -7.24
N GLY F 45 -24.93 4.95 -6.37
CA GLY F 45 -24.86 3.55 -5.95
C GLY F 45 -26.06 3.14 -5.12
N GLU F 46 -26.47 4.01 -4.20
CA GLU F 46 -27.68 3.74 -3.43
C GLU F 46 -28.90 3.65 -4.34
N LEU F 47 -28.96 4.51 -5.36
CA LEU F 47 -30.01 4.40 -6.38
C LEU F 47 -29.95 3.07 -7.11
N ALA F 48 -28.74 2.63 -7.49
CA ALA F 48 -28.58 1.36 -8.21
C ALA F 48 -28.98 0.16 -7.35
N GLU F 49 -28.67 0.19 -6.06
CA GLU F 49 -29.04 -0.92 -5.17
C GLU F 49 -30.56 -1.17 -5.22
N LEU F 50 -31.40 -0.15 -5.38
CA LEU F 50 -32.87 -0.32 -5.42
C LEU F 50 -33.28 -1.12 -6.66
N PHE F 51 -32.51 -1.06 -7.76
CA PHE F 51 -32.85 -1.70 -9.05
C PHE F 51 -32.03 -2.95 -9.33
N GLN F 52 -30.98 -3.29 -8.59
CA GLN F 52 -30.03 -4.38 -8.91
C GLN F 52 -30.68 -5.74 -9.12
N TRP F 53 -31.65 -6.15 -8.30
CA TRP F 53 -32.27 -7.50 -8.37
C TRP F 53 -33.65 -7.44 -9.05
N LYS F 54 -34.02 -6.31 -9.63
CA LYS F 54 -35.36 -6.08 -10.24
C LYS F 54 -35.25 -5.96 -11.75
N THR F 55 -35.51 -7.04 -12.49
CA THR F 55 -35.51 -7.02 -13.97
C THR F 55 -36.62 -6.10 -14.47
N ASP F 56 -36.51 -5.60 -15.71
CA ASP F 56 -37.46 -4.62 -16.28
C ASP F 56 -38.70 -5.30 -16.85
N GLY F 60 -43.13 -2.68 -13.22
CA GLY F 60 -42.11 -1.62 -13.28
C GLY F 60 -42.09 -0.83 -11.98
N PRO F 61 -41.34 0.28 -11.88
CA PRO F 61 -41.36 1.13 -10.69
C PRO F 61 -42.72 1.79 -10.41
N GLN F 62 -43.58 2.06 -11.41
CA GLN F 62 -44.91 2.57 -11.16
C GLN F 62 -45.70 1.62 -10.26
N GLY F 63 -45.36 0.33 -10.33
CA GLY F 63 -46.04 -0.72 -9.61
C GLY F 63 -45.35 -1.23 -8.39
N TRP F 64 -44.23 -0.64 -7.97
CA TRP F 64 -43.60 -0.94 -6.69
C TRP F 64 -44.53 -0.59 -5.53
N SER F 65 -44.20 -1.08 -4.34
CA SER F 65 -44.95 -0.73 -3.15
C SER F 65 -44.72 0.72 -2.83
N PRO F 66 -45.60 1.31 -2.01
CA PRO F 66 -45.34 2.67 -1.51
C PRO F 66 -44.06 2.78 -0.67
N ARG F 67 -43.64 1.75 0.06
CA ARG F 67 -42.36 1.85 0.76
C ARG F 67 -41.21 1.88 -0.25
N GLU F 68 -41.25 1.00 -1.26
CA GLU F 68 -40.20 0.99 -2.27
C GLU F 68 -40.15 2.32 -3.02
N ARG F 69 -41.31 2.94 -3.28
CA ARG F 69 -41.30 4.17 -4.06
C ARG F 69 -40.80 5.35 -3.21
N ALA F 70 -41.13 5.38 -1.93
CA ALA F 70 -40.58 6.40 -1.04
C ALA F 70 -39.05 6.36 -1.02
N ALA F 71 -38.49 5.15 -0.91
CA ALA F 71 -37.05 4.97 -1.03
C ALA F 71 -36.54 5.45 -2.38
N LEU F 72 -37.25 5.08 -3.45
CA LEU F 72 -36.82 5.47 -4.77
C LEU F 72 -36.71 6.97 -4.88
N GLN F 73 -37.65 7.69 -4.27
CA GLN F 73 -37.70 9.13 -4.45
C GLN F 73 -36.71 9.86 -3.54
N GLU F 74 -36.34 9.25 -2.43
CA GLU F 74 -35.26 9.81 -1.62
C GLU F 74 -33.91 9.71 -2.35
N GLU F 75 -33.64 8.54 -2.94
CA GLU F 75 -32.37 8.37 -3.65
C GLU F 75 -32.30 9.24 -4.91
N LEU F 76 -33.43 9.38 -5.62
CA LEU F 76 -33.45 10.27 -6.78
C LEU F 76 -33.16 11.71 -6.37
N SER F 77 -33.60 12.09 -5.19
CA SER F 77 -33.43 13.46 -4.70
C SER F 77 -32.02 13.67 -4.19
N ASP F 78 -31.43 12.67 -3.51
CA ASP F 78 -30.05 12.78 -3.03
C ASP F 78 -29.08 12.97 -4.21
N VAL F 79 -29.36 12.28 -5.33
CA VAL F 79 -28.53 12.39 -6.52
C VAL F 79 -28.62 13.81 -7.11
N LEU F 80 -29.85 14.36 -7.15
CA LEU F 80 -30.07 15.70 -7.72
C LEU F 80 -29.46 16.79 -6.87
N ILE F 81 -29.59 16.68 -5.55
CA ILE F 81 -29.00 17.66 -4.64
C ILE F 81 -27.49 17.71 -4.83
N TYR F 82 -26.81 16.55 -4.82
CA TYR F 82 -25.37 16.57 -4.98
C TYR F 82 -24.98 17.05 -6.37
N LEU F 83 -25.77 16.67 -7.40
CA LEU F 83 -25.54 17.18 -8.73
C LEU F 83 -25.61 18.71 -8.76
N VAL F 84 -26.62 19.27 -8.07
CA VAL F 84 -26.80 20.73 -8.01
C VAL F 84 -25.65 21.36 -7.25
N ALA F 85 -25.30 20.80 -6.09
CA ALA F 85 -24.15 21.33 -5.35
C ALA F 85 -22.87 21.23 -6.20
N LEU F 86 -22.67 20.13 -6.89
CA LEU F 86 -21.45 20.03 -7.68
C LEU F 86 -21.43 21.09 -8.78
N ALA F 87 -22.52 21.19 -9.53
CA ALA F 87 -22.57 22.17 -10.62
C ALA F 87 -22.29 23.57 -10.09
N ALA F 88 -22.88 23.91 -8.92
CA ALA F 88 -22.76 25.25 -8.37
C ALA F 88 -21.36 25.54 -7.86
N ARG F 89 -20.73 24.56 -7.20
CA ARG F 89 -19.35 24.77 -6.75
C ARG F 89 -18.39 24.91 -7.94
N CYS F 90 -18.72 24.33 -9.07
CA CYS F 90 -17.95 24.47 -10.31
C CYS F 90 -18.35 25.71 -11.11
N ARG F 91 -19.37 26.45 -10.68
CA ARG F 91 -19.81 27.68 -11.34
C ARG F 91 -20.38 27.39 -12.72
N VAL F 92 -21.21 26.36 -12.82
CA VAL F 92 -21.87 25.98 -14.06
C VAL F 92 -23.35 26.30 -13.89
N ASP F 93 -23.85 27.17 -14.77
CA ASP F 93 -25.27 27.50 -14.84
C ASP F 93 -25.96 26.28 -15.45
N LEU F 94 -26.19 25.30 -14.59
CA LEU F 94 -26.69 24.01 -15.04
C LEU F 94 -27.95 24.14 -15.87
N PRO F 95 -28.92 25.00 -15.52
CA PRO F 95 -30.11 25.11 -16.39
C PRO F 95 -29.79 25.51 -17.83
N LEU F 96 -28.90 26.47 -18.04
CA LEU F 96 -28.60 26.88 -19.40
C LEU F 96 -27.79 25.80 -20.12
N ALA F 97 -26.87 25.15 -19.38
CA ALA F 97 -26.10 24.07 -19.97
C ALA F 97 -27.03 22.99 -20.51
N VAL F 98 -28.14 22.71 -19.83
CA VAL F 98 -29.02 21.63 -20.27
C VAL F 98 -29.71 22.03 -21.57
N LEU F 99 -30.15 23.28 -21.67
CA LEU F 99 -30.82 23.74 -22.86
C LEU F 99 -29.88 23.71 -24.06
N SER F 100 -28.63 24.07 -23.84
CA SER F 100 -27.62 23.96 -24.88
C SER F 100 -27.35 22.50 -25.25
N LYS F 101 -27.35 21.59 -24.26
CA LYS F 101 -27.18 20.19 -24.61
C LYS F 101 -28.32 19.72 -25.50
N MET F 102 -29.56 20.10 -25.16
CA MET F 102 -30.73 19.66 -25.90
C MET F 102 -30.70 20.15 -27.34
N ASP F 103 -30.15 21.36 -27.57
CA ASP F 103 -30.00 21.86 -28.93
C ASP F 103 -28.99 21.04 -29.72
N ILE F 104 -27.90 20.62 -29.09
CA ILE F 104 -26.95 19.76 -29.78
C ILE F 104 -27.59 18.41 -30.10
N ASN F 105 -28.34 17.86 -29.15
CA ASN F 105 -28.93 16.56 -29.38
C ASN F 105 -29.91 16.60 -30.53
N ARG F 106 -30.68 17.69 -30.65
CA ARG F 106 -31.64 17.78 -31.74
C ARG F 106 -30.93 17.73 -33.09
N ARG F 107 -29.80 18.42 -33.22
CA ARG F 107 -29.04 18.36 -34.45
C ARG F 107 -28.21 17.07 -34.56
N ARG F 108 -27.67 16.57 -33.45
CA ARG F 108 -26.90 15.34 -33.51
C ARG F 108 -27.75 14.16 -34.01
N TYR F 109 -29.03 14.12 -33.65
CA TYR F 109 -29.96 13.07 -34.05
C TYR F 109 -31.12 13.69 -34.83
N PRO F 110 -30.87 14.10 -36.08
CA PRO F 110 -31.93 14.86 -36.77
C PRO F 110 -33.15 13.98 -37.06
N PHE G 3 20.32 -34.10 9.42
CA PHE G 3 20.82 -33.08 10.36
C PHE G 3 19.74 -32.44 11.24
N SER G 4 20.01 -32.29 12.53
CA SER G 4 19.03 -31.78 13.47
C SER G 4 19.73 -31.09 14.64
N PHE G 5 18.94 -30.39 15.46
CA PHE G 5 19.44 -29.78 16.69
C PHE G 5 19.27 -30.74 17.87
N SER G 6 20.09 -30.55 18.89
CA SER G 6 19.90 -31.22 20.17
C SER G 6 18.63 -30.75 20.88
N PRO G 7 18.05 -31.59 21.74
CA PRO G 7 16.75 -31.26 22.35
C PRO G 7 16.80 -30.25 23.49
N GLU G 8 17.97 -29.96 24.03
CA GLU G 8 18.13 -29.07 25.17
C GLU G 8 19.39 -28.25 24.97
N PRO G 9 19.44 -27.03 25.50
CA PRO G 9 18.41 -26.25 26.21
C PRO G 9 17.24 -25.83 25.33
N THR G 10 16.10 -25.61 25.96
CA THR G 10 14.91 -25.07 25.30
C THR G 10 14.94 -23.54 25.37
N LEU G 11 14.00 -22.93 24.65
CA LEU G 11 13.91 -21.47 24.69
C LEU G 11 13.72 -21.00 26.13
N GLU G 12 12.90 -21.72 26.92
CA GLU G 12 12.68 -21.33 28.33
C GLU G 12 13.92 -21.60 29.16
N ASP G 13 14.62 -22.70 28.89
CA ASP G 13 15.93 -22.92 29.50
C ASP G 13 16.83 -21.72 29.27
N ILE G 14 16.89 -21.25 28.02
CA ILE G 14 17.79 -20.15 27.67
C ILE G 14 17.39 -18.89 28.39
N ARG G 15 16.09 -18.54 28.33
CA ARG G 15 15.60 -17.37 29.05
C ARG G 15 16.03 -17.38 30.52
N ARG G 16 15.92 -18.53 31.18
CA ARG G 16 16.23 -18.65 32.60
C ARG G 16 17.72 -18.48 32.87
N LEU G 17 18.55 -19.26 32.15
CA LEU G 17 19.99 -19.18 32.35
C LEU G 17 20.47 -17.75 32.27
N HIS G 18 19.98 -17.03 31.28
CA HIS G 18 20.49 -15.69 31.01
C HIS G 18 19.96 -14.65 32.00
N ALA G 19 18.70 -14.77 32.44
CA ALA G 19 18.20 -13.85 33.45
C ALA G 19 18.94 -14.03 34.78
N GLU G 20 19.15 -15.28 35.19
CA GLU G 20 19.95 -15.55 36.38
C GLU G 20 21.35 -15.01 36.23
N PHE G 21 21.99 -15.32 35.09
CA PHE G 21 23.29 -14.74 34.79
C PHE G 21 23.27 -13.22 34.93
N ALA G 22 22.23 -12.59 34.38
CA ALA G 22 22.17 -11.13 34.38
C ALA G 22 21.86 -10.56 35.77
N ALA G 23 20.95 -11.18 36.51
CA ALA G 23 20.64 -10.69 37.85
C ALA G 23 21.86 -10.79 38.77
N GLU G 24 22.52 -11.95 38.76
CA GLU G 24 23.72 -12.16 39.55
C GLU G 24 24.80 -11.12 39.32
N ARG G 25 24.75 -10.43 38.19
CA ARG G 25 25.74 -9.40 37.90
C ARG G 25 25.12 -8.01 37.91
N ASP G 26 23.87 -7.89 38.34
CA ASP G 26 23.17 -6.60 38.31
C ASP G 26 23.33 -5.94 36.94
N TRP G 27 23.05 -6.73 35.89
CA TRP G 27 23.00 -6.20 34.54
C TRP G 27 21.58 -5.95 34.05
N GLU G 28 20.57 -6.43 34.80
CA GLU G 28 19.17 -6.18 34.44
C GLU G 28 18.94 -4.71 34.14
N GLN G 29 19.60 -3.82 34.89
CA GLN G 29 19.40 -2.39 34.72
C GLN G 29 19.77 -1.90 33.32
N PHE G 30 20.59 -2.63 32.58
CA PHE G 30 20.99 -2.27 31.23
C PHE G 30 20.14 -2.92 30.15
N HIS G 31 19.17 -3.74 30.53
CA HIS G 31 18.41 -4.61 29.64
C HIS G 31 17.02 -4.08 29.33
N GLN G 32 16.90 -2.76 29.20
CA GLN G 32 15.68 -2.17 28.69
C GLN G 32 15.44 -2.65 27.25
N PRO G 33 14.18 -2.70 26.83
CA PRO G 33 13.87 -3.29 25.51
C PRO G 33 14.76 -2.83 24.37
N ARG G 34 14.99 -1.52 24.24
CA ARG G 34 15.68 -0.98 23.08
C ARG G 34 17.19 -1.15 23.17
N ASN G 35 17.75 -1.29 24.37
CA ASN G 35 19.15 -1.69 24.52
C ASN G 35 19.36 -3.09 23.96
N LEU G 36 18.51 -4.02 24.40
CA LEU G 36 18.56 -5.39 23.89
C LEU G 36 18.29 -5.46 22.39
N LEU G 37 17.38 -4.62 21.87
CA LEU G 37 17.19 -4.59 20.42
C LEU G 37 18.45 -4.13 19.70
N LEU G 38 19.13 -3.13 20.22
CA LEU G 38 20.35 -2.65 19.58
C LEU G 38 21.50 -3.63 19.78
N ALA G 39 21.55 -4.34 20.93
CA ALA G 39 22.61 -5.36 21.05
C ALA G 39 22.36 -6.47 20.04
N LEU G 40 21.09 -6.77 19.80
CA LEU G 40 20.77 -7.77 18.79
C LEU G 40 21.27 -7.31 17.43
N VAL G 41 21.07 -6.03 17.12
CA VAL G 41 21.51 -5.49 15.84
C VAL G 41 23.02 -5.59 15.71
N GLY G 42 23.76 -5.21 16.77
CA GLY G 42 25.21 -5.35 16.75
C GLY G 42 25.66 -6.78 16.40
N GLU G 43 25.02 -7.76 17.00
CA GLU G 43 25.45 -9.15 16.74
C GLU G 43 25.12 -9.57 15.32
N VAL G 44 23.97 -9.19 14.77
CA VAL G 44 23.59 -9.52 13.36
C VAL G 44 24.66 -8.90 12.45
N GLY G 45 25.20 -7.73 12.78
CA GLY G 45 26.27 -7.09 12.01
C GLY G 45 27.54 -7.90 12.03
N GLU G 46 27.91 -8.45 13.18
CA GLU G 46 29.11 -9.31 13.32
C GLU G 46 28.94 -10.54 12.44
N LEU G 47 27.72 -11.04 12.31
CA LEU G 47 27.39 -12.18 11.44
C LEU G 47 27.58 -11.74 9.99
N ALA G 48 27.17 -10.54 9.61
CA ALA G 48 27.35 -9.99 8.25
C ALA G 48 28.83 -9.80 7.92
N GLU G 49 29.64 -9.43 8.90
CA GLU G 49 31.09 -9.22 8.70
C GLU G 49 31.71 -10.57 8.41
N LEU G 50 31.20 -11.64 9.02
CA LEU G 50 31.75 -12.96 8.66
C LEU G 50 31.53 -13.24 7.17
N PHE G 51 30.39 -12.80 6.62
CA PHE G 51 29.94 -13.24 5.31
C PHE G 51 30.20 -12.25 4.20
N GLN G 52 30.68 -11.06 4.53
CA GLN G 52 30.55 -9.93 3.61
C GLN G 52 31.38 -10.12 2.33
N TRP G 53 32.55 -10.75 2.40
CA TRP G 53 33.39 -10.97 1.23
C TRP G 53 33.34 -12.42 0.73
N LYS G 54 32.41 -13.24 1.22
CA LYS G 54 32.23 -14.64 0.78
C LYS G 54 31.32 -14.55 -0.45
N THR G 55 31.87 -14.15 -1.60
CA THR G 55 31.07 -13.94 -2.79
C THR G 55 30.40 -15.25 -3.14
N ASP G 56 29.20 -15.19 -3.70
CA ASP G 56 28.43 -16.39 -4.06
C ASP G 56 28.43 -17.46 -2.95
N GLY G 60 30.58 -21.73 1.39
CA GLY G 60 30.13 -22.94 2.09
C GLY G 60 30.50 -22.92 3.56
N PRO G 61 29.62 -22.49 4.50
CA PRO G 61 29.92 -22.56 5.91
C PRO G 61 30.31 -23.98 6.36
N GLN G 62 29.58 -25.02 5.95
CA GLN G 62 29.85 -26.44 6.32
C GLN G 62 31.35 -26.75 6.30
N GLY G 63 32.05 -26.41 5.22
CA GLY G 63 33.50 -26.64 5.09
C GLY G 63 34.34 -25.41 5.34
N TRP G 64 33.97 -24.57 6.30
CA TRP G 64 34.77 -23.37 6.68
C TRP G 64 35.89 -23.83 7.59
N SER G 65 36.90 -22.99 7.80
CA SER G 65 38.00 -23.29 8.73
C SER G 65 37.46 -23.44 10.15
N PRO G 66 38.12 -24.11 11.12
CA PRO G 66 37.65 -24.16 12.52
C PRO G 66 37.56 -22.80 13.20
N ARG G 67 38.41 -21.82 12.86
CA ARG G 67 38.31 -20.52 13.50
C ARG G 67 37.04 -19.79 13.05
N GLU G 68 36.69 -19.89 11.77
CA GLU G 68 35.51 -19.20 11.18
C GLU G 68 34.25 -19.88 11.69
N ARG G 69 34.20 -21.20 11.76
CA ARG G 69 33.10 -21.95 12.36
C ARG G 69 32.98 -21.62 13.85
N ALA G 70 34.09 -21.44 14.55
CA ALA G 70 34.01 -20.98 15.92
C ALA G 70 33.33 -19.60 16.01
N ALA G 71 33.68 -18.69 15.10
CA ALA G 71 33.09 -17.36 15.11
C ALA G 71 31.60 -17.41 14.79
N LEU G 72 31.23 -18.26 13.82
CA LEU G 72 29.84 -18.40 13.40
C LEU G 72 28.98 -18.91 14.54
N GLN G 73 29.43 -20.00 15.19
CA GLN G 73 28.65 -20.56 16.29
C GLN G 73 28.39 -19.53 17.37
N GLU G 74 29.43 -18.81 17.75
CA GLU G 74 29.31 -17.84 18.84
C GLU G 74 28.39 -16.68 18.47
N GLU G 75 28.46 -16.18 17.24
CA GLU G 75 27.64 -15.03 16.89
C GLU G 75 26.17 -15.42 16.75
N LEU G 76 25.90 -16.55 16.12
CA LEU G 76 24.53 -17.05 16.07
C LEU G 76 23.97 -17.26 17.46
N SER G 77 24.80 -17.74 18.39
CA SER G 77 24.35 -17.93 19.76
C SER G 77 23.98 -16.59 20.40
N ASP G 78 24.85 -15.60 20.27
CA ASP G 78 24.54 -14.29 20.85
C ASP G 78 23.27 -13.70 20.26
N VAL G 79 23.07 -13.86 18.94
CA VAL G 79 21.84 -13.32 18.37
C VAL G 79 20.65 -13.94 19.08
N LEU G 80 20.70 -15.26 19.31
CA LEU G 80 19.58 -15.96 19.94
C LEU G 80 19.41 -15.54 21.39
N ILE G 81 20.51 -15.34 22.11
CA ILE G 81 20.39 -14.94 23.50
C ILE G 81 19.73 -13.56 23.61
N TYR G 82 20.23 -12.60 22.83
CA TYR G 82 19.64 -11.27 22.89
C TYR G 82 18.20 -11.29 22.43
N LEU G 83 17.87 -12.14 21.44
CA LEU G 83 16.49 -12.22 20.97
C LEU G 83 15.58 -12.76 22.08
N VAL G 84 16.01 -13.83 22.73
CA VAL G 84 15.24 -14.39 23.86
C VAL G 84 15.09 -13.34 24.97
N ALA G 85 16.21 -12.72 25.36
CA ALA G 85 16.13 -11.76 26.44
C ALA G 85 15.21 -10.61 26.07
N LEU G 86 15.30 -10.13 24.82
CA LEU G 86 14.40 -9.08 24.39
C LEU G 86 12.96 -9.53 24.54
N ALA G 87 12.63 -10.71 24.04
CA ALA G 87 11.25 -11.14 24.08
C ALA G 87 10.77 -11.28 25.53
N ALA G 88 11.62 -11.84 26.43
CA ALA G 88 11.26 -11.92 27.85
C ALA G 88 11.03 -10.54 28.45
N ARG G 89 11.92 -9.58 28.18
CA ARG G 89 11.75 -8.24 28.70
C ARG G 89 10.43 -7.63 28.24
N CYS G 90 9.95 -8.03 27.08
CA CYS G 90 8.69 -7.58 26.52
C CYS G 90 7.53 -8.41 27.02
N ARG G 91 7.81 -9.50 27.73
CA ARG G 91 6.78 -10.36 28.25
C ARG G 91 6.01 -11.04 27.12
N VAL G 92 6.77 -11.47 26.10
CA VAL G 92 6.24 -12.25 24.99
C VAL G 92 6.66 -13.70 25.17
N ASP G 93 5.69 -14.59 25.00
CA ASP G 93 5.86 -16.03 25.02
C ASP G 93 6.38 -16.47 23.66
N LEU G 94 7.70 -16.41 23.49
CA LEU G 94 8.28 -16.59 22.16
C LEU G 94 7.92 -17.92 21.51
N PRO G 95 7.92 -19.06 22.22
CA PRO G 95 7.62 -20.32 21.52
C PRO G 95 6.21 -20.38 20.96
N LEU G 96 5.22 -19.86 21.67
CA LEU G 96 3.85 -19.91 21.15
C LEU G 96 3.68 -18.92 20.00
N ALA G 97 4.34 -17.76 20.10
CA ALA G 97 4.31 -16.77 19.03
C ALA G 97 4.86 -17.36 17.74
N VAL G 98 5.93 -18.15 17.83
CA VAL G 98 6.48 -18.78 16.65
C VAL G 98 5.45 -19.70 16.01
N LEU G 99 4.63 -20.34 16.84
CA LEU G 99 3.66 -21.32 16.34
C LEU G 99 2.48 -20.64 15.67
N SER G 100 1.98 -19.57 16.27
CA SER G 100 1.06 -18.66 15.62
C SER G 100 1.59 -18.20 14.27
N LYS G 101 2.85 -17.73 14.23
CA LYS G 101 3.42 -17.22 12.98
C LYS G 101 3.45 -18.28 11.90
N MET G 102 3.87 -19.51 12.26
CA MET G 102 3.91 -20.56 11.26
C MET G 102 2.53 -20.82 10.65
N ASP G 103 1.46 -20.75 11.46
CA ASP G 103 0.12 -20.87 10.91
C ASP G 103 -0.15 -19.76 9.90
N ILE G 104 0.11 -18.52 10.31
CA ILE G 104 0.09 -17.40 9.38
C ILE G 104 0.84 -17.76 8.12
N ASN G 105 2.05 -18.34 8.25
CA ASN G 105 2.86 -18.63 7.08
C ASN G 105 2.18 -19.66 6.18
N ARG G 106 1.52 -20.65 6.79
CA ARG G 106 0.82 -21.67 6.01
C ARG G 106 -0.40 -21.09 5.32
N ARG G 107 -1.13 -20.20 6.00
CA ARG G 107 -2.26 -19.54 5.38
C ARG G 107 -1.84 -18.63 4.25
N ARG G 108 -0.67 -17.99 4.36
CA ARG G 108 -0.20 -17.12 3.30
C ARG G 108 0.36 -17.92 2.11
N TYR G 109 0.75 -19.17 2.32
CA TYR G 109 1.23 -20.02 1.23
C TYR G 109 0.58 -21.43 1.26
N PHE H 3 -22.70 33.00 -6.41
CA PHE H 3 -23.02 32.38 -7.70
C PHE H 3 -24.42 31.81 -7.74
N SER H 4 -25.16 32.09 -8.82
CA SER H 4 -26.54 31.66 -8.98
C SER H 4 -26.72 30.85 -10.28
N PHE H 5 -27.85 30.13 -10.33
CA PHE H 5 -28.34 29.50 -11.56
C PHE H 5 -29.32 30.43 -12.26
N SER H 6 -29.37 30.32 -13.60
CA SER H 6 -30.47 30.92 -14.37
C SER H 6 -31.80 30.52 -13.75
N PRO H 7 -32.88 31.29 -13.96
CA PRO H 7 -34.16 30.92 -13.34
C PRO H 7 -34.97 29.91 -14.14
N GLU H 8 -34.54 29.62 -15.37
CA GLU H 8 -35.18 28.65 -16.27
C GLU H 8 -34.11 28.14 -17.23
N PRO H 9 -34.27 26.92 -17.77
CA PRO H 9 -35.43 26.01 -17.62
C PRO H 9 -35.55 25.36 -16.24
N THR H 10 -36.78 25.00 -15.89
CA THR H 10 -37.12 24.29 -14.67
C THR H 10 -37.04 22.78 -14.89
N LEU H 11 -37.21 22.02 -13.81
CA LEU H 11 -37.16 20.57 -13.90
C LEU H 11 -38.29 20.02 -14.75
N GLU H 12 -39.46 20.69 -14.74
CA GLU H 12 -40.55 20.25 -15.62
C GLU H 12 -40.24 20.60 -17.07
N ASP H 13 -39.65 21.76 -17.31
CA ASP H 13 -39.28 22.11 -18.67
C ASP H 13 -38.32 21.07 -19.23
N ILE H 14 -37.27 20.72 -18.46
CA ILE H 14 -36.31 19.70 -18.89
C ILE H 14 -37.04 18.41 -19.20
N ARG H 15 -37.94 17.99 -18.30
CA ARG H 15 -38.69 16.78 -18.56
C ARG H 15 -39.47 16.84 -19.86
N ARG H 16 -40.12 18.00 -20.15
CA ARG H 16 -40.89 18.14 -21.39
C ARG H 16 -39.98 18.17 -22.62
N LEU H 17 -38.89 18.93 -22.54
CA LEU H 17 -37.97 18.99 -23.66
C LEU H 17 -37.47 17.59 -24.02
N HIS H 18 -37.13 16.80 -23.01
CA HIS H 18 -36.58 15.48 -23.30
C HIS H 18 -37.67 14.50 -23.76
N ALA H 19 -38.86 14.52 -23.16
CA ALA H 19 -39.89 13.60 -23.65
C ALA H 19 -40.33 13.93 -25.08
N GLU H 20 -40.38 15.24 -25.42
CA GLU H 20 -40.58 15.65 -26.81
C GLU H 20 -39.48 15.09 -27.71
N PHE H 21 -38.23 15.27 -27.29
CA PHE H 21 -37.10 14.81 -28.07
C PHE H 21 -37.16 13.30 -28.29
N ALA H 22 -37.55 12.54 -27.25
CA ALA H 22 -37.55 11.08 -27.35
C ALA H 22 -38.74 10.57 -28.14
N ALA H 23 -39.93 11.15 -27.91
CA ALA H 23 -41.12 10.66 -28.61
C ALA H 23 -41.03 10.94 -30.10
N GLU H 24 -40.51 12.11 -30.49
CA GLU H 24 -40.39 12.42 -31.92
C GLU H 24 -39.49 11.44 -32.65
N ARG H 25 -38.60 10.75 -31.93
CA ARG H 25 -37.65 9.81 -32.54
C ARG H 25 -38.04 8.35 -32.32
N ASP H 26 -39.19 8.07 -31.74
CA ASP H 26 -39.59 6.69 -31.47
C ASP H 26 -38.56 6.00 -30.56
N TRP H 27 -38.03 6.76 -29.58
CA TRP H 27 -37.01 6.24 -28.67
C TRP H 27 -37.54 5.88 -27.27
N GLU H 28 -38.78 6.26 -26.93
CA GLU H 28 -39.32 5.89 -25.64
C GLU H 28 -39.20 4.40 -25.36
N GLN H 29 -39.16 3.58 -26.41
CA GLN H 29 -39.04 2.14 -26.25
C GLN H 29 -37.68 1.72 -25.68
N PHE H 30 -36.67 2.55 -25.81
CA PHE H 30 -35.37 2.22 -25.23
C PHE H 30 -35.20 2.78 -23.84
N HIS H 31 -36.24 3.33 -23.24
CA HIS H 31 -36.09 4.10 -22.01
C HIS H 31 -36.78 3.40 -20.84
N GLN H 32 -36.64 2.07 -20.76
CA GLN H 32 -36.95 1.38 -19.52
C GLN H 32 -36.10 1.95 -18.39
N PRO H 33 -36.62 1.92 -17.16
CA PRO H 33 -35.88 2.51 -16.03
C PRO H 33 -34.42 2.10 -15.95
N ARG H 34 -34.11 0.80 -16.04
CA ARG H 34 -32.74 0.36 -15.86
C ARG H 34 -31.85 0.76 -17.02
N ASN H 35 -32.40 0.92 -18.23
CA ASN H 35 -31.63 1.54 -19.31
C ASN H 35 -31.17 2.95 -18.91
N LEU H 36 -32.09 3.75 -18.38
CA LEU H 36 -31.76 5.13 -18.03
C LEU H 36 -30.85 5.22 -16.81
N LEU H 37 -31.06 4.34 -15.84
CA LEU H 37 -30.14 4.24 -14.73
C LEU H 37 -28.73 3.95 -15.23
N LEU H 38 -28.60 3.01 -16.15
CA LEU H 38 -27.23 2.67 -16.57
C LEU H 38 -26.63 3.78 -17.42
N ALA H 39 -27.47 4.52 -18.19
CA ALA H 39 -26.95 5.67 -18.91
C ALA H 39 -26.46 6.75 -17.95
N LEU H 40 -27.20 6.94 -16.86
CA LEU H 40 -26.78 7.83 -15.79
C LEU H 40 -25.43 7.42 -15.23
N VAL H 41 -25.29 6.14 -14.87
CA VAL H 41 -24.01 5.66 -14.36
C VAL H 41 -22.90 5.96 -15.36
N GLY H 42 -23.12 5.69 -16.65
CA GLY H 42 -22.11 6.01 -17.64
C GLY H 42 -21.70 7.50 -17.63
N GLU H 43 -22.63 8.43 -17.45
CA GLU H 43 -22.36 9.89 -17.46
C GLU H 43 -21.67 10.33 -16.17
N VAL H 44 -22.00 9.77 -15.02
CA VAL H 44 -21.31 10.04 -13.73
C VAL H 44 -19.88 9.54 -13.93
N GLY H 45 -19.68 8.42 -14.62
CA GLY H 45 -18.34 7.91 -14.95
C GLY H 45 -17.53 8.92 -15.75
N GLU H 46 -18.18 9.61 -16.69
CA GLU H 46 -17.52 10.64 -17.52
C GLU H 46 -17.12 11.80 -16.62
N LEU H 47 -17.94 12.18 -15.66
CA LEU H 47 -17.54 13.24 -14.69
C LEU H 47 -16.30 12.77 -13.94
N ALA H 48 -16.23 11.51 -13.52
CA ALA H 48 -15.09 10.98 -12.75
C ALA H 48 -13.83 11.07 -13.58
N GLU H 49 -13.91 10.79 -14.87
CA GLU H 49 -12.72 10.81 -15.75
C GLU H 49 -12.17 12.24 -15.82
N LEU H 50 -13.00 13.27 -15.71
CA LEU H 50 -12.51 14.65 -15.75
C LEU H 50 -11.71 15.01 -14.51
N PHE H 51 -12.05 14.42 -13.37
CA PHE H 51 -11.49 14.77 -12.10
C PHE H 51 -10.42 13.83 -11.60
N GLN H 52 -10.30 12.63 -12.19
CA GLN H 52 -9.62 11.54 -11.51
C GLN H 52 -8.15 11.85 -11.23
N TRP H 53 -7.48 12.60 -12.11
CA TRP H 53 -6.07 12.90 -11.95
C TRP H 53 -5.84 14.32 -11.48
N LYS H 54 -6.88 15.03 -11.10
CA LYS H 54 -6.76 16.35 -10.53
C LYS H 54 -6.66 16.26 -9.01
N THR H 55 -6.62 17.37 -8.34
CA THR H 55 -6.61 17.36 -6.88
C THR H 55 -7.35 18.58 -6.41
N GLY H 60 -9.20 25.22 -9.02
CA GLY H 60 -10.42 24.45 -9.10
C GLY H 60 -10.99 24.46 -10.50
N PRO H 61 -12.15 23.82 -10.69
CA PRO H 61 -12.77 23.78 -12.02
C PRO H 61 -13.18 25.14 -12.56
N GLN H 62 -13.17 26.18 -11.74
CA GLN H 62 -13.21 27.55 -12.23
C GLN H 62 -11.78 27.91 -12.63
N GLY H 63 -11.56 28.12 -13.93
CA GLY H 63 -10.21 28.26 -14.42
C GLY H 63 -9.64 26.94 -14.87
N TRP H 64 -10.45 26.11 -15.51
CA TRP H 64 -9.99 24.94 -16.20
C TRP H 64 -9.74 25.21 -17.68
N SER H 65 -9.16 24.22 -18.36
CA SER H 65 -9.13 24.17 -19.81
C SER H 65 -10.53 24.41 -20.36
N PRO H 66 -10.72 25.36 -21.27
CA PRO H 66 -12.00 25.45 -21.98
C PRO H 66 -12.43 24.14 -22.63
N ARG H 67 -11.48 23.28 -23.04
CA ARG H 67 -11.87 21.94 -23.47
C ARG H 67 -12.51 21.16 -22.32
N GLU H 68 -11.93 21.30 -21.12
CA GLU H 68 -12.45 20.61 -19.94
C GLU H 68 -13.70 21.27 -19.39
N ARG H 69 -13.75 22.61 -19.40
CA ARG H 69 -14.94 23.32 -18.93
C ARG H 69 -16.15 22.98 -19.80
N ALA H 70 -15.94 22.90 -21.11
CA ALA H 70 -17.03 22.49 -22.02
C ALA H 70 -17.43 21.04 -21.77
N ALA H 71 -16.44 20.15 -21.65
CA ALA H 71 -16.72 18.77 -21.26
C ALA H 71 -17.48 18.72 -19.93
N LEU H 72 -17.04 19.50 -18.94
CA LEU H 72 -17.67 19.48 -17.62
C LEU H 72 -19.15 19.88 -17.70
N GLN H 73 -19.44 21.01 -18.37
CA GLN H 73 -20.81 21.47 -18.49
C GLN H 73 -21.68 20.43 -19.18
N GLU H 74 -21.20 19.87 -20.29
CA GLU H 74 -22.02 18.91 -21.04
C GLU H 74 -22.28 17.64 -20.22
N GLU H 75 -21.26 17.13 -19.53
CA GLU H 75 -21.42 15.91 -18.73
C GLU H 75 -22.41 16.14 -17.57
N LEU H 76 -22.28 17.27 -16.86
CA LEU H 76 -23.25 17.60 -15.83
C LEU H 76 -24.68 17.68 -16.38
N SER H 77 -24.83 18.25 -17.60
CA SER H 77 -26.17 18.30 -18.19
C SER H 77 -26.69 16.91 -18.52
N ASP H 78 -25.80 16.02 -18.98
CA ASP H 78 -26.24 14.67 -19.32
C ASP H 78 -26.76 13.94 -18.08
N VAL H 79 -26.03 14.04 -16.97
CA VAL H 79 -26.47 13.39 -15.73
C VAL H 79 -27.86 13.89 -15.37
N LEU H 80 -28.08 15.20 -15.45
CA LEU H 80 -29.40 15.73 -15.09
C LEU H 80 -30.48 15.23 -16.05
N ILE H 81 -30.19 15.21 -17.35
CA ILE H 81 -31.23 14.76 -18.28
C ILE H 81 -31.61 13.31 -18.00
N TYR H 82 -30.61 12.42 -17.91
CA TYR H 82 -30.96 11.05 -17.60
C TYR H 82 -31.63 10.93 -16.23
N LEU H 83 -31.20 11.75 -15.27
CA LEU H 83 -31.82 11.71 -13.94
C LEU H 83 -33.29 12.04 -14.02
N VAL H 84 -33.61 13.21 -14.59
CA VAL H 84 -34.99 13.63 -14.85
C VAL H 84 -35.73 12.57 -15.66
N ALA H 85 -35.11 12.10 -16.73
CA ALA H 85 -35.79 11.09 -17.54
C ALA H 85 -36.13 9.86 -16.69
N LEU H 86 -35.22 9.45 -15.81
CA LEU H 86 -35.52 8.29 -14.97
C LEU H 86 -36.63 8.59 -13.96
N ALA H 87 -36.59 9.77 -13.31
CA ALA H 87 -37.67 10.12 -12.39
C ALA H 87 -39.01 10.05 -13.09
N ALA H 88 -39.10 10.64 -14.30
CA ALA H 88 -40.39 10.71 -14.97
C ALA H 88 -40.89 9.33 -15.37
N ARG H 89 -39.98 8.47 -15.84
CA ARG H 89 -40.36 7.10 -16.18
C ARG H 89 -40.86 6.32 -14.97
N CYS H 90 -40.30 6.57 -13.79
CA CYS H 90 -40.81 5.97 -12.57
C CYS H 90 -42.04 6.69 -12.03
N ARG H 91 -42.46 7.78 -12.70
CA ARG H 91 -43.61 8.62 -12.31
C ARG H 91 -43.42 9.16 -10.89
N VAL H 92 -42.23 9.71 -10.69
CA VAL H 92 -41.82 10.34 -9.44
C VAL H 92 -41.82 11.83 -9.69
N ASP H 93 -42.61 12.57 -8.91
CA ASP H 93 -42.61 14.04 -8.97
C ASP H 93 -41.32 14.52 -8.32
N LEU H 94 -40.30 14.72 -9.12
CA LEU H 94 -38.96 14.89 -8.54
C LEU H 94 -38.84 16.16 -7.76
N PRO H 95 -39.35 17.32 -8.22
CA PRO H 95 -39.16 18.55 -7.43
C PRO H 95 -39.75 18.43 -6.04
N LEU H 96 -40.88 17.75 -5.90
CA LEU H 96 -41.47 17.57 -4.59
C LEU H 96 -40.73 16.53 -3.77
N ALA H 97 -40.16 15.51 -4.42
CA ALA H 97 -39.30 14.59 -3.71
C ALA H 97 -38.14 15.34 -3.05
N VAL H 98 -37.53 16.27 -3.81
CA VAL H 98 -36.38 16.99 -3.27
C VAL H 98 -36.78 17.75 -2.04
N LEU H 99 -38.02 18.21 -1.96
CA LEU H 99 -38.44 19.06 -0.86
C LEU H 99 -38.66 18.23 0.40
N SER H 100 -39.35 17.11 0.26
CA SER H 100 -39.41 16.14 1.35
C SER H 100 -38.00 15.73 1.79
N LYS H 101 -37.07 15.59 0.84
CA LYS H 101 -35.74 15.11 1.17
C LYS H 101 -34.96 16.17 1.99
N MET H 102 -35.07 17.43 1.61
CA MET H 102 -34.38 18.47 2.36
C MET H 102 -34.92 18.52 3.80
N ASP H 103 -36.21 18.21 3.99
CA ASP H 103 -36.78 18.17 5.33
C ASP H 103 -36.17 17.06 6.15
N ILE H 104 -36.16 15.84 5.61
CA ILE H 104 -35.39 14.76 6.23
C ILE H 104 -34.01 15.26 6.60
N ASN H 105 -33.27 15.77 5.61
CA ASN H 105 -31.91 16.25 5.85
C ASN H 105 -31.85 17.21 7.05
N ARG H 106 -32.84 18.09 7.19
CA ARG H 106 -32.84 18.99 8.34
C ARG H 106 -33.05 18.22 9.65
N ARG H 107 -33.73 17.08 9.61
CA ARG H 107 -33.92 16.25 10.79
C ARG H 107 -32.69 15.36 11.05
N ARG H 108 -32.08 14.81 9.99
CA ARG H 108 -30.87 14.02 10.14
C ARG H 108 -29.68 14.85 10.63
N TYR H 109 -29.70 16.16 10.42
CA TYR H 109 -28.56 17.02 10.76
C TYR H 109 -29.08 18.35 11.31
N PRO H 110 -29.51 18.38 12.59
CA PRO H 110 -30.16 19.59 13.09
C PRO H 110 -29.20 20.63 13.66
MG MG I . 11.87 2.80 3.05
C01 TLI J . 11.12 -14.13 -8.12
C02 TLI J . 10.23 -13.30 -7.18
C03 TLI J . 8.88 -12.84 -7.79
C04 TLI J . 10.12 -14.13 -5.88
C05 TLI J . 11.33 -14.38 -5.01
C07 TLI J . 11.62 -15.67 -4.32
C08 TLI J . 10.42 -16.36 -3.65
C10 TLI J . 10.77 -16.86 -2.22
C11 TLI J . 12.03 -17.62 -1.78
C12 TLI J . 11.94 -18.36 -0.43
C13 TLI J . 10.98 -17.76 0.56
C14 TLI J . 9.84 -17.08 0.21
C15 TLI J . 9.75 -16.40 -1.13
C16 TLI J . 8.27 -16.21 -1.59
C17 TLI J . 8.12 -15.47 -2.92
C18 TLI J . 9.16 -15.55 -4.04
C19 TLI J . 8.84 -14.87 -5.43
C22 TLI J . 9.13 -16.67 1.50
C24 TLI J . 11.02 -17.79 2.03
C26 TLI J . 10.08 -18.35 -2.59
O06 TLI J . 10.41 -13.39 -4.65
O09 TLI J . 11.17 -16.96 -4.70
O20 TLI J . 8.59 -15.86 -6.34
O21 TLI J . 7.99 -16.30 -4.03
O23 TLI J . 9.84 -17.31 2.54
O25 TLI J . 11.86 -18.14 2.80
H012 TLI J . 10.87 -14.02 -9.19
H013 TLI J . 11.09 -15.22 -7.94
H011 TLI J . 12.18 -13.86 -8.06
H021 TLI J . 10.76 -12.31 -6.98
H033 TLI J . 8.26 -12.24 -7.09
H031 TLI J . 8.22 -13.64 -8.17
H032 TLI J . 8.98 -12.16 -8.67
H051 TLI J . 12.24 -13.77 -5.24
H071 TLI J . 12.63 -15.68 -3.88
H111 TLI J . 12.71 -16.78 -1.59
H112 TLI J . 12.56 -18.07 -2.63
H121 TLI J . 12.96 -18.33 0.07
H122 TLI J . 11.83 -19.45 -0.61
H151 TLI J . 10.04 -15.30 -1.01
H161 TLI J . 7.74 -17.19 -1.63
H162 TLI J . 7.74 -15.71 -0.73
H171 TLI J . 7.46 -14.58 -2.91
H191 TLI J . 8.03 -14.10 -5.37
H222 TLI J . 8.03 -16.91 1.57
H221 TLI J . 9.04 -15.54 1.69
H263 TLI J . 9.53 -18.84 -1.80
H261 TLI J . 10.73 -19.16 -2.95
H262 TLI J . 9.34 -18.31 -3.38
H201 TLI J . 9.35 -16.47 -6.49
C01 TLI K . 1.78 6.59 17.49
C02 TLI K . 2.19 5.75 16.26
C03 TLI K . 1.05 5.00 15.53
C04 TLI K . 3.00 6.71 15.37
C05 TLI K . 4.49 6.89 15.60
C07 TLI K . 5.19 8.20 15.50
C08 TLI K . 4.82 9.07 14.27
C10 TLI K . 6.10 9.60 13.54
C11 TLI K . 7.24 10.35 14.20
C12 TLI K . 8.34 10.92 13.24
C13 TLI K . 8.22 10.55 11.80
C14 TLI K . 7.15 9.93 11.21
C15 TLI K . 6.22 9.14 12.06
C16 TLI K . 4.90 8.80 11.27
C17 TLI K . 3.74 8.25 12.10
C18 TLI K . 3.63 8.37 13.60
C19 TLI K . 2.40 7.69 14.33
C22 TLI K . 7.57 9.60 9.76
C24 TLI K . 9.29 10.56 10.80
C26 TLI K . 5.36 11.10 13.31
O06 TLI K . 4.05 6.07 14.56
O09 TLI K . 4.63 9.48 15.63
O20 TLI K . 1.68 8.63 15.01
O21 TLI K . 2.93 9.19 12.74
O23 TLI K . 8.81 10.26 9.57
O25 TLI K . 10.46 10.77 10.96
H012 TLI K . 0.80 7.10 17.37
H013 TLI K . 2.47 7.40 17.77
H011 TLI K . 1.66 5.99 18.41
H021 TLI K . 2.83 4.90 16.64
H033 TLI K . 0.59 4.20 16.13
H031 TLI K . 1.34 4.53 14.57
H032 TLI K . 0.18 5.65 15.25
H051 TLI K . 4.97 6.17 16.28
H071 TLI K . 6.20 8.14 15.89
H111 TLI K . 7.76 9.58 14.82
H112 TLI K . 6.83 11.00 14.97
H121 TLI K . 9.34 10.55 13.58
H122 TLI K . 8.45 12.01 13.44
H151 TLI K . 6.62 8.08 12.17
H161 TLI K . 4.57 9.68 10.69
H162 TLI K . 5.22 8.11 10.45
H171 TLI K . 3.18 7.41 11.62
H191 TLI K . 1.75 7.06 13.65
H222 TLI K . 6.85 9.90 8.95
H221 TLI K . 7.64 8.49 9.50
H263 TLI K . 5.98 12.00 13.14
H261 TLI K . 4.70 11.44 14.11
H262 TLI K . 4.72 11.17 12.44
H201 TLI K . 2.18 9.10 15.72
MG MG L . -11.72 1.62 -20.48
C01 TLI M . -27.82 -0.92 -31.85
C02 TLI M . -26.74 -0.05 -31.19
C03 TLI M . -25.46 0.19 -32.02
C04 TLI M . -27.48 1.24 -30.75
C05 TLI M . -28.19 1.32 -29.41
C07 TLI M . -29.49 2.00 -29.19
C08 TLI M . -29.63 3.39 -29.86
C10 TLI M . -30.15 4.47 -28.86
C11 TLI M . -31.22 4.31 -27.79
C12 TLI M . -31.80 5.61 -27.18
C13 TLI M . -30.82 6.73 -27.15
C14 TLI M . -29.93 6.98 -28.17
C15 TLI M . -29.34 5.81 -28.90
C16 TLI M . -28.73 6.21 -30.29
C17 TLI M . -28.04 5.05 -30.99
C18 TLI M . -28.46 3.60 -30.83
C19 TLI M . -27.65 2.49 -31.65
C22 TLI M . -29.23 8.30 -27.84
C24 TLI M . -30.75 7.88 -26.23
C26 TLI M . -31.35 4.89 -29.94
O06 TLI M . -26.93 1.89 -29.57
O09 TLI M . -30.50 2.29 -30.13
O20 TLI M . -28.39 2.13 -32.73
O21 TLI M . -28.80 4.36 -31.94
O23 TLI M . -29.97 8.85 -26.77
O25 TLI M . -31.22 8.06 -25.15
H012 TLI M . -27.93 -0.75 -32.93
H013 TLI M . -28.84 -0.79 -31.45
H011 TLI M . -27.62 -2.00 -31.75
H021 TLI M . -26.35 -0.61 -30.29
H033 TLI M . -25.67 0.59 -33.04
H031 TLI M . -24.82 -0.70 -32.19
H032 TLI M . -24.76 0.94 -31.59
H051 TLI M . -27.98 0.49 -28.70
H071 TLI M . -29.89 1.80 -28.18
H111 TLI M . -30.62 3.88 -26.97
H112 TLI M . -31.86 3.44 -27.98
H121 TLI M . -32.12 5.42 -26.11
H122 TLI M . -32.80 5.83 -27.65
H151 TLI M . -28.38 5.50 -28.37
H161 TLI M . -29.50 6.67 -30.94
H162 TLI M . -28.06 7.08 -30.08
H171 TLI M . -26.98 5.24 -31.30
H191 TLI M . -26.61 2.81 -31.94
H222 TLI M . -29.17 9.03 -28.68
H221 TLI M . -28.12 8.23 -27.62
H263 TLI M . -31.65 5.94 -29.96
H261 TLI M . -32.31 4.39 -29.87
H262 TLI M . -31.10 4.72 -30.98
H201 TLI M . -29.28 1.75 -32.50
C01 TLI N . -2.69 16.80 -17.91
C02 TLI N . -3.86 15.83 -18.13
C03 TLI N . -4.60 15.98 -19.48
C04 TLI N . -3.29 14.41 -17.85
C05 TLI N . -3.48 13.73 -16.51
C07 TLI N . -2.50 12.81 -15.85
C08 TLI N . -1.91 11.76 -16.80
C10 TLI N . -2.03 10.31 -16.22
C11 TLI N . -1.84 9.88 -14.78
C12 TLI N . -1.60 8.36 -14.54
C13 TLI N . -2.24 7.47 -15.56
C14 TLI N . -2.53 7.85 -16.86
C15 TLI N . -2.61 9.30 -17.24
C16 TLI N . -2.21 9.53 -18.75
C17 TLI N . -2.39 10.98 -19.21
C18 TLI N . -2.25 12.15 -18.27
C19 TLI N . -2.44 13.60 -18.86
C22 TLI N . -3.26 6.68 -17.53
C24 TLI N . -2.84 6.16 -15.38
C26 TLI N . -0.41 10.08 -16.49
O06 TLI N . -4.32 13.42 -17.57
O09 TLI N . -1.12 12.67 -16.06
O20 TLI N . -1.21 14.19 -18.97
O21 TLI N . -1.26 11.78 -19.16
O23 TLI N . -3.18 5.62 -16.59
O25 TLI N . -3.09 5.55 -14.38
H012 TLI N . -3.00 17.81 -17.59
H013 TLI N . -2.05 16.98 -18.78
H011 TLI N . -1.99 16.47 -17.13
H021 TLI N . -4.66 16.10 -17.38
H033 TLI N . -3.92 16.03 -20.35
H031 TLI N . -5.26 16.85 -19.56
H032 TLI N . -5.27 15.12 -19.73
H051 TLI N . -4.16 14.24 -15.81
H071 TLI N . -2.80 12.57 -14.83
H111 TLI N . -2.83 10.07 -14.35
H112 TLI N . -1.27 10.62 -14.21
H121 TLI N . -2.05 8.08 -13.54
H122 TLI N . -0.52 8.19 -14.33
H151 TLI N . -3.70 9.60 -17.31
H161 TLI N . -1.18 9.17 -18.97
H162 TLI N . -2.82 8.80 -19.33
H171 TLI N . -3.04 11.12 -20.10
H191 TLI N . -3.01 13.62 -19.83
H222 TLI N . -2.82 6.33 -18.53
H221 TLI N . -4.32 6.87 -17.88
H263 TLI N . 0.07 10.67 -17.30
H261 TLI N . -0.13 9.08 -16.78
H262 TLI N . 0.28 10.32 -15.66
H201 TLI N . -0.75 14.31 -18.10
MG MG O . 33.92 0.45 11.26
C01 TLI P . 40.17 -13.70 2.17
C02 TLI P . 39.98 -12.82 3.40
C03 TLI P . 40.99 -13.06 4.55
C04 TLI P . 39.92 -11.36 2.88
C05 TLI P . 38.67 -10.80 2.26
C07 TLI P . 38.62 -9.81 1.13
C08 TLI P . 39.62 -8.64 1.26
C10 TLI P . 38.90 -7.26 1.05
C11 TLI P . 37.89 -6.90 -0.03
C12 TLI P . 37.67 -5.38 -0.29
C13 TLI P . 37.83 -4.52 0.92
C14 TLI P . 38.71 -4.82 1.94
C15 TLI P . 39.15 -6.24 2.19
C16 TLI P . 40.55 -6.32 2.90
C17 TLI P . 40.98 -7.75 3.24
C18 TLI P . 40.57 -8.96 2.45
C19 TLI P . 41.13 -10.38 2.84
C22 TLI P . 38.58 -3.71 2.98
C24 TLI P . 37.16 -3.24 1.30
C26 TLI P . 40.12 -6.80 0.02
O06 TLI P . 38.96 -10.53 3.59
O09 TLI P . 39.62 -9.54 0.17
O20 TLI P . 41.98 -10.81 1.87
O21 TLI P . 41.81 -8.36 2.33
O23 TLI P . 37.76 -2.73 2.41
O25 TLI P . 36.24 -2.63 0.84
H012 TLI P . 41.09 -14.31 2.18
H013 TLI P . 40.22 -13.16 1.20
H011 TLI P . 39.36 -14.42 2.02
H021 TLI P . 39.00 -13.10 3.89
H033 TLI P . 40.84 -12.38 5.41
H031 TLI P . 42.05 -12.98 4.28
H032 TLI P . 40.91 -14.08 5.01
H051 TLI P . 37.76 -11.44 2.34
H071 TLI P . 37.61 -9.68 0.74
H111 TLI P . 36.94 -7.24 0.43
H112 TLI P . 37.94 -7.60 -0.87
H121 TLI P . 36.60 -5.23 -0.64
H122 TLI P . 38.22 -5.06 -1.22
H151 TLI P . 38.51 -6.68 3.02
H161 TLI P . 41.33 -5.81 2.31
H162 TLI P . 40.47 -5.64 3.79
H171 TLI P . 41.26 -7.92 4.31
H191 TLI P . 41.60 -10.41 3.87
H222 TLI P . 39.54 -3.24 3.31
H221 TLI P . 38.21 -4.03 4.02
H263 TLI P . 40.45 -5.75 0.07
H261 TLI P . 39.97 -6.92 -1.06
H262 TLI P . 41.06 -7.32 0.17
H201 TLI P . 41.56 -10.98 1.00
C01 TLI Q . -37.14 -9.57 -2.63
C02 TLI Q . -36.15 -8.53 -2.05
C03 TLI Q . -36.50 -8.01 -0.63
C04 TLI Q . -34.76 -9.20 -2.17
C05 TLI Q . -34.02 -9.19 -3.49
C07 TLI Q . -33.25 -10.36 -4.03
C08 TLI Q . -32.40 -11.13 -3.02
C10 TLI Q . -30.94 -11.44 -3.55
C11 TLI Q . -30.51 -11.84 -4.96
C12 TLI Q . -29.08 -12.47 -5.10
C13 TLI Q . -28.09 -11.98 -4.08
C14 TLI Q . -28.45 -11.66 -2.79
C15 TLI Q . -29.84 -11.18 -2.48
C16 TLI Q . -30.24 -11.41 -0.98
C17 TLI Q . -31.58 -10.79 -0.60
C18 TLI Q . -32.72 -10.63 -1.58
C19 TLI Q . -34.10 -10.03 -1.04
C22 TLI Q . -27.17 -11.21 -2.07
C24 TLI Q . -26.61 -11.90 -4.15
C26 TLI Q . -31.19 -13.05 -3.22
O06 TLI Q . -33.64 -8.31 -2.47
O09 TLI Q . -33.47 -11.72 -3.75
O20 TLI Q . -34.92 -11.07 -0.76
O21 TLI Q . -32.68 -11.64 -0.64
O23 TLI Q . -26.10 -11.57 -2.92
O25 TLI Q . -25.80 -12.04 -5.04
H012 TLI Q . -37.91 -9.13 -3.29
H013 TLI Q . -37.71 -10.14 -1.88
H011 TLI Q . -36.67 -10.34 -3.25
H021 TLI Q . -36.21 -7.60 -2.69
H033 TLI Q . -36.60 -8.82 0.11
H031 TLI Q . -37.42 -7.41 -0.57
H032 TLI Q . -35.72 -7.35 -0.19
H051 TLI Q . -34.41 -8.51 -4.27
H071 TLI Q . -32.92 -10.19 -5.06
H111 TLI Q . -30.42 -10.86 -5.44
H112 TLI Q . -31.34 -12.23 -5.55
H121 TLI Q . -28.66 -12.18 -6.10
H122 TLI Q . -29.17 -13.58 -5.22
H151 TLI Q . -29.82 -10.03 -2.46
H161 TLI Q . -30.22 -12.49 -0.72
H162 TLI Q . -29.38 -11.03 -0.37
H171 TLI Q . -31.56 -10.10 0.27
H191 TLI Q . -33.97 -9.32 -0.18
H222 TLI Q . -27.02 -11.65 -1.06
H221 TLI Q . -27.13 -10.10 -1.77
H263 TLI Q . -30.31 -13.61 -2.92
H261 TLI Q . -31.61 -13.70 -4.02
H262 TLI Q . -31.86 -13.27 -2.39
H201 TLI Q . -35.09 -11.68 -1.51
MG MG R . 7.99 -9.82 9.36
MG MG S . -29.29 8.27 0.02
C01 TLI T . -15.82 12.41 11.21
C02 TLI T . -16.36 11.82 9.90
C03 TLI T . -16.97 10.40 10.03
C04 TLI T . -17.33 12.86 9.26
C05 TLI T . -17.07 13.45 7.88
C07 TLI T . -17.48 14.81 7.43
C08 TLI T . -18.91 15.21 7.82
C10 TLI T . -19.73 15.78 6.60
C11 TLI T . -19.26 16.76 5.53
C12 TLI T . -20.36 17.54 4.74
C13 TLI T . -21.67 16.81 4.59
C14 TLI T . -22.11 15.86 5.48
C15 TLI T . -21.15 15.17 6.45
C16 TLI T . -21.85 14.71 7.76
C17 TLI T . -20.94 13.93 8.72
C18 TLI T . -19.44 14.16 8.82
C19 TLI T . -18.60 13.40 9.94
C22 TLI T . -23.40 15.27 4.88
C24 TLI T . -22.71 16.91 3.53
C26 TLI T . -20.13 17.09 7.54
O06 TLI T . -17.93 12.36 8.03
O09 TLI T . -17.76 15.94 8.21
O20 TLI T . -18.25 14.33 10.88
O21 TLI T . -20.36 14.68 9.73
O23 TLI T . -23.81 16.22 3.93
O25 TLI T . -22.75 17.44 2.44
H012 TLI T . -15.53 13.48 11.14
H013 TLI T . -14.92 11.91 11.61
H011 TLI T . -16.53 12.37 12.04
H021 TLI T . -15.48 11.62 9.23
H033 TLI T . -16.36 9.72 10.66
H031 TLI T . -17.13 9.86 9.09
H032 TLI T . -17.97 10.36 10.53
H051 TLI T . -16.24 13.01 7.30
H071 TLI T . -17.05 15.07 6.44
H111 TLI T . -18.84 16.06 4.79
H112 TLI T . -18.32 17.25 5.82
H121 TLI T . -19.99 17.71 3.69
H122 TLI T . -20.41 18.59 5.11
H151 TLI T . -20.91 14.14 6.02
H161 TLI T . -22.33 15.56 8.30
H162 TLI T . -22.76 14.13 7.44
H171 TLI T . -21.32 12.92 9.04
H191 TLI T . -19.13 12.51 10.38
H222 TLI T . -24.23 15.07 5.60
H221 TLI T . -23.31 14.22 4.44
H263 TLI T . -21.11 17.50 7.38
H261 TLI T . -19.50 17.98 7.49
H262 TLI T . -20.14 16.89 8.61
H201 TLI T . -17.63 15.03 10.55
MG MG U . 29.53 -11.90 19.46
C01 TLI V . 29.81 1.74 31.17
C02 TLI V . 30.57 1.05 30.02
C03 TLI V . 32.12 1.09 30.14
C04 TLI V . 29.95 -0.37 29.94
C05 TLI V . 28.54 -0.57 29.40
C07 TLI V . 27.56 -1.51 30.00
C08 TLI V . 28.11 -2.89 30.43
C10 TLI V . 27.18 -4.09 30.00
C11 TLI V . 25.66 -4.19 30.11
C12 TLI V . 25.00 -5.56 29.79
C13 TLI V . 25.85 -6.55 29.05
C14 TLI V . 27.22 -6.56 29.13
C15 TLI V . 27.94 -5.25 29.25
C16 TLI V . 29.45 -5.45 29.60
C17 TLI V . 30.26 -4.16 29.83
C18 TLI V . 29.64 -2.86 30.27
C19 TLI V . 30.61 -1.63 30.52
C22 TLI V . 27.69 -7.79 28.33
C24 TLI V . 25.45 -7.83 28.40
C26 TLI V . 27.25 -4.70 31.58
O06 TLI V . 29.64 -0.85 28.58
O09 TLI V . 27.54 -1.95 31.35
O20 TLI V . 30.76 -1.46 31.87
O21 TLI V . 30.31 -3.70 31.14
O23 TLI V . 26.51 -8.29 27.70
O25 TLI V . 24.43 -8.47 28.41
H012 TLI V . 30.45 2.39 31.80
H013 TLI V . 29.30 1.07 31.87
H011 TLI V . 29.01 2.41 30.81
H021 TLI V . 30.38 1.64 29.07
H033 TLI V . 32.54 2.12 30.08
H031 TLI V . 32.68 0.50 29.40
H032 TLI V . 32.52 0.72 31.13
H051 TLI V . 28.09 0.31 28.89
H071 TLI V . 26.55 -1.39 29.58
H111 TLI V . 25.29 -3.48 29.33
H112 TLI V . 25.31 -3.71 31.00
H121 TLI V . 24.08 -5.39 29.16
H122 TLI V . 24.52 -5.95 30.72
H151 TLI V . 28.06 -4.80 28.22
H161 TLI V . 29.57 -6.14 30.47
H162 TLI V . 29.88 -6.08 28.78
H171 TLI V . 31.23 -4.10 29.28
H191 TLI V . 31.61 -1.74 29.99
H222 TLI V . 28.21 -8.60 28.90
H221 TLI V . 28.51 -7.61 27.55
H263 TLI V . 26.73 -5.64 31.76
H261 TLI V . 26.89 -4.08 32.42
H262 TLI V . 28.23 -4.94 31.93
H201 TLI V . 29.91 -1.40 32.36
#